data_6QIB
#
_entry.id   6QIB
#
_cell.length_a   158.360
_cell.length_b   70.402
_cell.length_c   154.240
_cell.angle_alpha   90.000
_cell.angle_beta   112.990
_cell.angle_gamma   90.000
#
_symmetry.space_group_name_H-M   'C 1 2 1'
#
loop_
_entity.id
_entity.type
_entity.pdbx_description
1 polymer 'DNA polymerase epsilon catalytic subunit A'
2 polymer Primer_11ddC
3 polymer Template16
4 non-polymer 'IRON/SULFUR CLUSTER'
5 non-polymer "2'-DEOXYADENOSINE 5'-TRIPHOSPHATE"
6 non-polymer 'CALCIUM ION'
#
loop_
_entity_poly.entity_id
_entity_poly.type
_entity_poly.pdbx_seq_one_letter_code
_entity_poly.pdbx_strand_id
1 'polypeptide(L)'
;GGDPHMMFGKKKNNGGSSTARYSAGNKYNTLSNNYALSAQQLLNASKIDDIDSMMGFERYVPPQYNGRFDAKDIDQIPGR
VGWLTNMHATLVSQETLSSGSNGGGNSNDGERVTTNQGISGVDFYFLDEEGGSFKSTVVYDPYFFIACNDESRVNDVEEL
VKKYLESCLKSLQIIRKEDLTMDNHLLGLQKTLIKLSFVNSNQLFEARKLLRPILQDNANNNVQRNIYNVAANGSEKVDA
KHLIEDIREYDVPYHVRVSIDKDIRVGKWYKVTQQGFIEDTRKIAFADPVVMAFAIATTKPPLKFPDSAVDQIMMISYMI
DGEGFLITNREIISEDIEDFEYTPKPEYPGFFTIFNENDEVALLQRFFEHIRDVRPTVISTFNGDFFDWPFIHNRSKIHG
LDMFDEIGFAPDAEGEYKSSYCSHMDCFRWVKRDSYLPQGSQGLKAVTQSKLGYNPIELDPELMTPYAFEKPQHLSEYSV
SDAVATYYLYMKYVHPFIFSLCTIIPLNPDETLRKGTGTLCEMLLMVQAYQHNILLPNKHTDPIERFYDGHLLESETYVG
GHVESLEAGVFRSDLKNEFKIDPSAIDELLQELPEALKFSVEVENKSSVDKVTNFEEIKNQITQKLLELKENNIRNELPL
IYHVDVASMYPNIMTTNRLQPDSIKAERDCASCDFNRPGKTCARKLKWAWRGEFFPSKMDEYNMIKRALQNETFPNKNKF
SKKKVLTFDELSYADQVIHIKKRLTEYSRKVYHRVKVSEIVEREAIVCQRENPFYVDTVKSFRDRRYEFKGLAKTWKGNL
SKIDPSDKHARDEAKKMIVLYDSLQLAHKVILNSFYGYVMRKGSRWYSMEMAGITCLTGATIIQMARALVERVGRPLELD
TDGIWCILPKSFPETYFFTLENGKKLYLSYPCSMLNYRVHQKFTNHQYQELKDPLNYIYETHSENTIFFEVDGPYKAMIL
PSSKEEGKGIKKRYAVFNEDGSLAELKGFELKRRGELQLIKNFQSDIFKVFLEGDTLEGCYSAVASVCNRWLDVLDSHGL
MLEDEDLVSLICENRSMSKTLKEYEGQKSTSITTARRLGDFLGEDMVKDKGLQCKYIISSKPFNAPVTERAIPVAIFSAD
IPIKRSFLRRWTLDPSLEDLDIRTIIDWGYYRERLGSAIQKIITIPAALQGVSNPVPRVEHPDWLKRKIATK
;
A
2 'polydeoxyribonucleotide' (DT)(DA)(DA)(DC)(DC)(DG)(DC)(DG)(DT)(DT)(DOC) P
3 'polydeoxyribonucleotide' (DC)(DT)(DC)(DT)(DT)(DG)(DA)(DA)(DC)(DG)(DC)(DG)(DG)(DT)(DT)(DA) T
#
loop_
_chem_comp.id
_chem_comp.type
_chem_comp.name
_chem_comp.formula
CA non-polymer 'CALCIUM ION' 'Ca 2'
DA DNA linking 2'-DEOXYADENOSINE-5'-MONOPHOSPHATE 'C10 H14 N5 O6 P'
DC DNA linking 2'-DEOXYCYTIDINE-5'-MONOPHOSPHATE 'C9 H14 N3 O7 P'
DG DNA linking 2'-DEOXYGUANOSINE-5'-MONOPHOSPHATE 'C10 H14 N5 O7 P'
DOC DNA linking 2',3'-DIDEOXYCYTIDINE-5'-MONOPHOSPHATE 'C9 H14 N3 O6 P'
DT DNA linking THYMIDINE-5'-MONOPHOSPHATE 'C10 H15 N2 O8 P'
DTP non-polymer '2'-DEOXYADENOSINE 5'-TRIPHOSPHATE' 'C10 H16 N5 O12 P3'
SF4 non-polymer 'IRON/SULFUR CLUSTER' 'Fe4 S4'
#
# COMPACT_ATOMS: atom_id res chain seq x y z
N ALA A 36 -31.12 -10.79 23.93
CA ALA A 36 -31.41 -9.34 23.70
C ALA A 36 -31.34 -9.02 22.21
N LEU A 37 -30.18 -9.31 21.60
CA LEU A 37 -29.83 -8.75 20.31
C LEU A 37 -30.45 -9.53 19.15
N SER A 38 -30.76 -10.81 19.39
CA SER A 38 -31.16 -11.73 18.32
C SER A 38 -32.39 -11.22 17.57
N ALA A 39 -33.25 -10.47 18.25
CA ALA A 39 -34.41 -9.84 17.65
C ALA A 39 -33.99 -8.53 16.99
N GLN A 40 -33.16 -7.76 17.70
CA GLN A 40 -32.60 -6.51 17.21
C GLN A 40 -31.83 -6.76 15.93
N GLN A 41 -31.19 -7.94 15.84
CA GLN A 41 -30.32 -8.31 14.74
C GLN A 41 -31.10 -9.04 13.64
N LEU A 42 -32.27 -9.62 13.98
CA LEU A 42 -33.07 -10.27 12.95
C LEU A 42 -34.02 -9.26 12.31
N LEU A 43 -34.12 -8.06 12.92
CA LEU A 43 -34.82 -6.97 12.27
C LEU A 43 -34.14 -6.70 10.93
N ASN A 44 -32.84 -6.36 11.02
CA ASN A 44 -31.98 -6.16 9.86
C ASN A 44 -32.16 -7.32 8.89
N ALA A 45 -31.99 -8.55 9.40
CA ALA A 45 -32.04 -9.74 8.56
C ALA A 45 -33.29 -9.73 7.70
N SER A 46 -34.43 -9.40 8.32
CA SER A 46 -35.73 -9.38 7.66
C SER A 46 -35.85 -8.17 6.74
N LYS A 47 -35.34 -7.03 7.22
CA LYS A 47 -35.27 -5.80 6.45
C LYS A 47 -34.45 -6.06 5.20
N ILE A 48 -33.24 -6.63 5.40
CA ILE A 48 -32.32 -6.93 4.33
C ILE A 48 -32.97 -7.89 3.33
N ASP A 49 -33.70 -8.88 3.85
CA ASP A 49 -34.33 -9.90 3.02
C ASP A 49 -35.41 -9.29 2.12
N ASP A 50 -36.10 -8.28 2.64
CA ASP A 50 -37.15 -7.59 1.90
C ASP A 50 -36.53 -6.74 0.79
N ILE A 51 -35.49 -5.97 1.14
CA ILE A 51 -34.77 -5.12 0.20
C ILE A 51 -34.18 -5.98 -0.92
N ASP A 52 -33.49 -7.07 -0.54
CA ASP A 52 -32.88 -7.94 -1.54
C ASP A 52 -33.97 -8.40 -2.51
N SER A 53 -35.06 -8.93 -1.96
CA SER A 53 -36.20 -9.41 -2.73
C SER A 53 -36.69 -8.29 -3.65
N MET A 54 -36.72 -7.06 -3.12
CA MET A 54 -37.10 -5.88 -3.90
C MET A 54 -36.25 -5.82 -5.17
N MET A 55 -34.96 -6.16 -5.04
CA MET A 55 -34.02 -6.06 -6.15
C MET A 55 -33.93 -7.38 -6.90
N GLY A 56 -34.96 -8.22 -6.75
CA GLY A 56 -34.97 -9.52 -7.39
C GLY A 56 -33.89 -10.45 -6.84
N PHE A 57 -33.78 -10.50 -5.51
CA PHE A 57 -32.94 -11.49 -4.86
C PHE A 57 -33.77 -12.33 -3.90
N GLU A 58 -34.59 -13.22 -4.46
CA GLU A 58 -35.44 -14.09 -3.67
C GLU A 58 -34.63 -15.34 -3.29
N ARG A 59 -34.75 -15.72 -2.02
CA ARG A 59 -33.96 -16.79 -1.41
C ARG A 59 -34.33 -18.14 -2.02
N TYR A 60 -33.61 -18.51 -3.08
CA TYR A 60 -33.75 -19.81 -3.71
C TYR A 60 -33.32 -20.90 -2.73
N VAL A 61 -34.03 -22.04 -2.82
CA VAL A 61 -33.69 -23.25 -2.08
C VAL A 61 -33.71 -24.42 -3.07
N PRO A 62 -32.67 -25.28 -3.08
CA PRO A 62 -32.54 -26.32 -4.12
C PRO A 62 -33.32 -27.61 -3.87
N PRO A 63 -33.62 -28.40 -4.93
CA PRO A 63 -34.33 -29.67 -4.79
C PRO A 63 -33.55 -30.71 -3.99
N GLN A 64 -34.27 -31.63 -3.33
CA GLN A 64 -33.65 -32.65 -2.51
C GLN A 64 -33.21 -33.82 -3.38
N TYR A 65 -31.96 -34.27 -3.16
CA TYR A 65 -31.38 -35.34 -3.94
C TYR A 65 -30.69 -36.36 -3.05
N ASN A 66 -30.89 -37.65 -3.37
CA ASN A 66 -30.13 -38.75 -2.82
C ASN A 66 -29.52 -39.56 -3.96
N GLY A 67 -28.19 -39.47 -4.08
CA GLY A 67 -27.45 -40.14 -5.14
C GLY A 67 -26.08 -39.50 -5.35
N ARG A 68 -25.79 -39.14 -6.60
CA ARG A 68 -24.58 -38.41 -6.94
C ARG A 68 -24.41 -37.26 -5.96
N PHE A 69 -23.45 -37.43 -5.04
CA PHE A 69 -23.05 -36.40 -4.09
C PHE A 69 -21.67 -35.88 -4.50
N ASP A 70 -20.91 -36.74 -5.18
CA ASP A 70 -19.65 -36.39 -5.81
C ASP A 70 -19.93 -35.38 -6.92
N ALA A 71 -18.97 -34.47 -7.12
CA ALA A 71 -19.10 -33.40 -8.10
C ALA A 71 -18.70 -33.91 -9.49
N LYS A 72 -18.50 -35.23 -9.61
CA LYS A 72 -18.10 -35.88 -10.84
C LYS A 72 -19.20 -35.74 -11.89
N ASP A 73 -20.47 -35.77 -11.45
CA ASP A 73 -21.62 -35.68 -12.34
C ASP A 73 -22.54 -34.54 -11.93
N ILE A 74 -22.12 -33.30 -12.21
CA ILE A 74 -22.72 -32.09 -11.66
C ILE A 74 -24.07 -31.80 -12.29
N ASP A 75 -24.28 -32.26 -13.54
CA ASP A 75 -25.51 -32.01 -14.26
C ASP A 75 -26.63 -32.87 -13.72
N GLN A 76 -26.28 -34.11 -13.32
CA GLN A 76 -27.26 -35.09 -12.85
C GLN A 76 -27.64 -34.78 -11.40
N ILE A 77 -27.39 -33.54 -10.97
CA ILE A 77 -27.76 -33.07 -9.64
C ILE A 77 -28.63 -31.83 -9.80
N PRO A 78 -29.84 -31.79 -9.20
CA PRO A 78 -30.75 -30.67 -9.38
C PRO A 78 -30.29 -29.42 -8.64
N GLY A 79 -30.66 -28.24 -9.19
CA GLY A 79 -30.30 -26.95 -8.60
C GLY A 79 -30.08 -25.88 -9.67
N ARG A 80 -29.38 -24.82 -9.27
CA ARG A 80 -29.25 -23.62 -10.10
C ARG A 80 -27.78 -23.19 -10.17
N VAL A 81 -27.29 -23.03 -11.41
CA VAL A 81 -25.95 -22.52 -11.67
C VAL A 81 -25.95 -21.00 -11.51
N GLY A 82 -24.98 -20.48 -10.74
CA GLY A 82 -24.85 -19.05 -10.52
C GLY A 82 -23.40 -18.59 -10.37
N TRP A 83 -23.17 -17.34 -10.76
CA TRP A 83 -21.90 -16.66 -10.59
C TRP A 83 -21.93 -15.84 -9.30
N LEU A 84 -20.98 -16.12 -8.40
CA LEU A 84 -21.06 -15.57 -7.05
C LEU A 84 -20.50 -14.16 -7.03
N THR A 85 -21.37 -13.21 -6.71
CA THR A 85 -21.04 -11.80 -6.84
C THR A 85 -20.85 -11.17 -5.46
N ASN A 86 -21.36 -11.82 -4.41
CA ASN A 86 -21.41 -11.14 -3.13
C ASN A 86 -21.84 -12.12 -2.04
N MET A 87 -21.50 -11.80 -0.79
CA MET A 87 -21.81 -12.64 0.36
C MET A 87 -21.79 -11.80 1.63
N HIS A 88 -22.74 -12.05 2.54
CA HIS A 88 -22.85 -11.33 3.80
C HIS A 88 -23.27 -12.27 4.93
N ALA A 89 -22.89 -11.92 6.17
CA ALA A 89 -23.33 -12.67 7.34
C ALA A 89 -24.77 -12.25 7.70
N THR A 90 -25.60 -13.23 8.07
CA THR A 90 -27.01 -13.00 8.38
C THR A 90 -27.44 -13.95 9.50
N LEU A 91 -28.58 -13.64 10.12
CA LEU A 91 -29.26 -14.55 11.04
C LEU A 91 -30.56 -15.02 10.39
N VAL A 92 -30.87 -16.30 10.59
CA VAL A 92 -32.03 -16.90 9.96
C VAL A 92 -32.77 -17.72 11.01
N SER A 93 -34.10 -17.56 11.05
CA SER A 93 -34.97 -18.30 11.96
C SER A 93 -35.16 -19.73 11.44
N GLN A 94 -35.72 -20.59 12.31
CA GLN A 94 -35.99 -21.99 11.99
C GLN A 94 -36.88 -22.08 10.75
N GLU A 95 -36.42 -22.85 9.75
CA GLU A 95 -37.11 -22.98 8.48
C GLU A 95 -37.35 -24.47 8.18
N GLN A 117 -33.41 -18.29 19.93
CA GLN A 117 -32.60 -17.25 19.24
C GLN A 117 -32.67 -17.50 17.73
N GLY A 118 -31.81 -16.83 16.97
CA GLY A 118 -31.65 -17.06 15.54
C GLY A 118 -30.29 -17.66 15.22
N ILE A 119 -30.18 -18.35 14.08
CA ILE A 119 -28.96 -19.10 13.76
C ILE A 119 -28.14 -18.36 12.69
N SER A 120 -26.82 -18.31 12.93
CA SER A 120 -25.91 -17.63 12.03
C SER A 120 -25.74 -18.43 10.74
N GLY A 121 -25.87 -17.71 9.61
CA GLY A 121 -25.65 -18.24 8.29
C GLY A 121 -25.05 -17.17 7.38
N VAL A 122 -24.87 -17.51 6.09
CA VAL A 122 -24.30 -16.56 5.15
C VAL A 122 -25.15 -16.50 3.88
N ASP A 123 -25.64 -15.29 3.57
CA ASP A 123 -26.33 -15.00 2.33
C ASP A 123 -25.30 -14.90 1.19
N PHE A 124 -25.57 -15.63 0.11
CA PHE A 124 -24.75 -15.64 -1.10
C PHE A 124 -25.59 -15.18 -2.28
N TYR A 125 -25.08 -14.18 -3.01
CA TYR A 125 -25.81 -13.53 -4.09
C TYR A 125 -25.19 -13.93 -5.43
N PHE A 126 -26.05 -14.35 -6.36
CA PHE A 126 -25.59 -14.86 -7.65
C PHE A 126 -26.27 -14.14 -8.81
N LEU A 127 -25.62 -14.17 -9.97
CA LEU A 127 -26.29 -13.94 -11.23
C LEU A 127 -26.34 -15.29 -11.94
N ASP A 128 -27.54 -15.65 -12.43
CA ASP A 128 -27.81 -16.94 -13.04
C ASP A 128 -27.20 -16.96 -14.43
N GLU A 129 -27.34 -18.08 -15.15
CA GLU A 129 -26.85 -18.15 -16.50
C GLU A 129 -27.80 -17.39 -17.42
N GLU A 130 -29.09 -17.34 -17.04
CA GLU A 130 -30.15 -16.87 -17.90
C GLU A 130 -30.19 -15.34 -17.99
N GLY A 131 -29.61 -14.66 -16.99
CA GLY A 131 -29.87 -13.24 -16.78
C GLY A 131 -30.94 -13.08 -15.70
N GLY A 132 -30.80 -12.04 -14.86
CA GLY A 132 -31.54 -11.99 -13.62
C GLY A 132 -30.79 -12.73 -12.50
N SER A 133 -31.26 -12.55 -11.26
CA SER A 133 -30.45 -12.93 -10.10
C SER A 133 -31.21 -13.83 -9.15
N PHE A 134 -30.50 -14.29 -8.11
CA PHE A 134 -31.04 -15.09 -7.02
C PHE A 134 -30.07 -15.06 -5.85
N LYS A 135 -30.35 -15.88 -4.83
CA LYS A 135 -29.64 -15.87 -3.56
C LYS A 135 -29.76 -17.25 -2.93
N SER A 136 -28.80 -17.59 -2.06
CA SER A 136 -28.83 -18.85 -1.34
C SER A 136 -28.16 -18.70 0.02
N THR A 137 -28.41 -19.65 0.91
CA THR A 137 -27.94 -19.50 2.28
C THR A 137 -27.31 -20.81 2.75
N VAL A 138 -26.05 -20.70 3.21
CA VAL A 138 -25.41 -21.74 3.97
C VAL A 138 -25.49 -21.37 5.45
N VAL A 139 -26.00 -22.31 6.25
CA VAL A 139 -25.96 -22.22 7.69
C VAL A 139 -24.81 -23.07 8.18
N TYR A 140 -24.13 -22.62 9.24
CA TYR A 140 -22.86 -23.19 9.66
C TYR A 140 -22.49 -22.60 11.03
N ASP A 141 -22.21 -23.48 11.99
CA ASP A 141 -22.12 -23.10 13.39
C ASP A 141 -20.82 -22.36 13.67
N PRO A 142 -20.90 -21.11 14.18
CA PRO A 142 -19.73 -20.42 14.74
C PRO A 142 -19.09 -21.31 15.81
N TYR A 143 -17.77 -21.19 15.97
CA TYR A 143 -17.02 -22.18 16.72
C TYR A 143 -15.64 -21.63 17.07
N PHE A 144 -15.06 -22.14 18.16
CA PHE A 144 -13.71 -21.82 18.59
C PHE A 144 -13.24 -22.88 19.58
N PHE A 145 -11.98 -22.77 20.03
CA PHE A 145 -11.35 -23.88 20.71
C PHE A 145 -10.81 -23.45 22.07
N ILE A 146 -10.88 -24.37 23.04
CA ILE A 146 -10.15 -24.24 24.29
C ILE A 146 -8.90 -25.11 24.21
N ALA A 147 -7.76 -24.50 24.56
CA ALA A 147 -6.47 -25.17 24.73
C ALA A 147 -6.36 -25.64 26.18
N CYS A 148 -5.46 -26.61 26.44
CA CYS A 148 -5.35 -27.23 27.76
C CYS A 148 -3.90 -27.36 28.21
N ASN A 149 -3.70 -27.13 29.51
CA ASN A 149 -2.41 -27.10 30.20
C ASN A 149 -1.72 -28.45 30.08
N ASP A 150 -2.25 -29.46 30.80
CA ASP A 150 -1.81 -30.83 30.69
C ASP A 150 -2.82 -31.59 29.84
N GLU A 151 -2.37 -32.06 28.67
CA GLU A 151 -3.23 -32.62 27.64
C GLU A 151 -3.74 -34.00 28.07
N SER A 152 -3.69 -34.26 29.38
CA SER A 152 -4.11 -35.54 29.95
C SER A 152 -5.56 -35.45 30.43
N ARG A 153 -5.82 -34.51 31.33
CA ARG A 153 -7.06 -34.41 32.06
C ARG A 153 -8.03 -33.51 31.28
N VAL A 154 -8.49 -33.99 30.12
CA VAL A 154 -9.20 -33.17 29.16
C VAL A 154 -10.71 -33.43 29.24
N ASN A 155 -11.07 -34.68 29.56
CA ASN A 155 -12.46 -35.03 29.84
C ASN A 155 -12.94 -34.17 31.01
N ASP A 156 -12.01 -33.83 31.90
CA ASP A 156 -12.32 -33.02 33.07
C ASP A 156 -12.51 -31.56 32.65
N VAL A 157 -11.87 -31.15 31.55
CA VAL A 157 -12.03 -29.80 31.03
C VAL A 157 -13.32 -29.72 30.21
N GLU A 158 -13.65 -30.83 29.54
CA GLU A 158 -14.89 -30.93 28.77
C GLU A 158 -16.07 -30.99 29.74
N GLU A 159 -15.80 -31.51 30.95
CA GLU A 159 -16.81 -31.77 31.95
C GLU A 159 -17.33 -30.47 32.54
N LEU A 160 -16.40 -29.56 32.87
CA LEU A 160 -16.72 -28.32 33.57
C LEU A 160 -17.24 -27.27 32.61
N VAL A 161 -16.76 -27.30 31.35
CA VAL A 161 -17.21 -26.35 30.34
C VAL A 161 -18.64 -26.70 29.94
N LYS A 162 -18.90 -28.00 29.72
CA LYS A 162 -20.25 -28.48 29.45
C LYS A 162 -21.20 -27.88 30.51
N LYS A 163 -20.75 -27.91 31.77
CA LYS A 163 -21.53 -27.44 32.90
C LYS A 163 -21.59 -25.91 32.90
N TYR A 164 -20.43 -25.28 32.74
CA TYR A 164 -20.28 -23.85 32.93
C TYR A 164 -20.96 -23.07 31.80
N LEU A 165 -21.12 -23.70 30.63
CA LEU A 165 -21.55 -22.99 29.44
C LEU A 165 -22.94 -23.45 29.00
N GLU A 166 -23.77 -23.87 29.96
CA GLU A 166 -25.09 -24.42 29.64
C GLU A 166 -25.97 -23.36 28.97
N SER A 167 -25.66 -22.07 29.23
CA SER A 167 -26.52 -20.98 28.80
C SER A 167 -26.42 -20.73 27.29
N CYS A 168 -25.23 -20.97 26.71
CA CYS A 168 -24.98 -20.52 25.35
C CYS A 168 -24.42 -21.62 24.44
N LEU A 169 -23.78 -22.65 25.01
CA LEU A 169 -23.14 -23.66 24.19
C LEU A 169 -24.20 -24.58 23.58
N LYS A 170 -23.95 -25.02 22.33
CA LYS A 170 -24.84 -25.90 21.60
C LYS A 170 -24.18 -27.28 21.48
N SER A 171 -22.90 -27.29 21.11
CA SER A 171 -22.21 -28.51 20.76
C SER A 171 -20.78 -28.47 21.28
N LEU A 172 -20.20 -29.65 21.50
CA LEU A 172 -18.87 -29.80 22.06
C LEU A 172 -18.28 -31.13 21.60
N GLN A 173 -17.08 -31.06 21.02
CA GLN A 173 -16.34 -32.21 20.53
C GLN A 173 -14.86 -31.95 20.74
N ILE A 174 -14.09 -33.01 21.02
CA ILE A 174 -12.64 -32.87 21.10
C ILE A 174 -12.06 -33.16 19.72
N ILE A 175 -11.10 -32.33 19.30
CA ILE A 175 -10.49 -32.42 17.98
C ILE A 175 -8.98 -32.26 18.12
N ARG A 176 -8.24 -32.65 17.07
CA ARG A 176 -6.80 -32.47 17.02
C ARG A 176 -6.43 -31.59 15.83
N LYS A 177 -5.44 -30.71 16.05
CA LYS A 177 -4.91 -29.86 14.99
C LYS A 177 -3.39 -29.83 15.11
N GLU A 178 -2.72 -29.67 13.97
CA GLU A 178 -1.29 -29.42 13.97
C GLU A 178 -1.05 -28.03 14.55
N ASP A 179 0.14 -27.82 15.11
CA ASP A 179 0.49 -26.63 15.86
C ASP A 179 2.01 -26.49 15.83
N LEU A 180 2.49 -25.47 15.10
CA LEU A 180 3.89 -25.39 14.74
C LEU A 180 4.72 -24.86 15.90
N THR A 181 4.10 -24.61 17.05
CA THR A 181 4.82 -24.22 18.26
C THR A 181 4.87 -25.37 19.25
N MET A 182 4.71 -26.62 18.76
CA MET A 182 4.75 -27.80 19.61
C MET A 182 5.98 -28.63 19.27
N ASP A 183 6.58 -29.23 20.31
CA ASP A 183 7.96 -29.68 20.28
C ASP A 183 8.28 -30.52 19.05
N ASN A 184 7.56 -31.64 18.86
CA ASN A 184 7.77 -32.47 17.69
C ASN A 184 6.46 -32.71 16.96
N HIS A 185 5.91 -31.62 16.41
CA HIS A 185 4.72 -31.64 15.57
C HIS A 185 5.13 -32.12 14.17
N LEU A 186 6.44 -32.16 13.94
CA LEU A 186 7.03 -32.60 12.68
C LEU A 186 7.02 -34.12 12.63
N LEU A 187 6.77 -34.75 13.79
CA LEU A 187 6.80 -36.20 13.90
C LEU A 187 5.39 -36.75 14.09
N GLY A 188 4.41 -35.82 14.05
CA GLY A 188 3.02 -36.17 13.88
C GLY A 188 2.18 -35.90 15.12
N LEU A 189 2.84 -35.51 16.22
CA LEU A 189 2.13 -35.16 17.45
C LEU A 189 1.20 -33.98 17.17
N GLN A 190 -0.11 -34.23 17.35
CA GLN A 190 -1.13 -33.22 17.15
C GLN A 190 -1.58 -32.70 18.50
N LYS A 191 -2.01 -31.43 18.54
CA LYS A 191 -2.44 -30.84 19.79
C LYS A 191 -3.95 -31.05 19.95
N THR A 192 -4.38 -31.27 21.19
CA THR A 192 -5.76 -31.62 21.47
C THR A 192 -6.49 -30.39 21.98
N LEU A 193 -7.72 -30.18 21.49
CA LEU A 193 -8.54 -29.06 21.91
C LEU A 193 -10.01 -29.51 22.00
N ILE A 194 -10.80 -28.67 22.66
CA ILE A 194 -12.25 -28.81 22.71
C ILE A 194 -12.85 -27.79 21.76
N LYS A 195 -13.71 -28.25 20.86
CA LYS A 195 -14.32 -27.41 19.84
C LYS A 195 -15.72 -26.98 20.29
N LEU A 196 -15.85 -25.67 20.57
CA LEU A 196 -17.08 -25.10 21.08
C LEU A 196 -17.90 -24.53 19.92
N SER A 197 -19.13 -25.03 19.77
CA SER A 197 -20.01 -24.64 18.68
C SER A 197 -21.27 -23.97 19.21
N PHE A 198 -21.73 -22.94 18.49
CA PHE A 198 -22.90 -22.17 18.90
C PHE A 198 -23.84 -22.01 17.71
N VAL A 199 -25.10 -21.69 18.00
CA VAL A 199 -26.11 -21.56 16.96
C VAL A 199 -25.94 -20.21 16.26
N ASN A 200 -25.24 -19.26 16.92
CA ASN A 200 -25.00 -17.96 16.31
C ASN A 200 -23.77 -17.28 16.92
N SER A 201 -23.35 -16.19 16.27
CA SER A 201 -22.19 -15.42 16.67
C SER A 201 -22.40 -14.81 18.06
N ASN A 202 -23.63 -14.32 18.29
CA ASN A 202 -24.01 -13.67 19.54
C ASN A 202 -23.81 -14.63 20.70
N GLN A 203 -24.28 -15.87 20.53
CA GLN A 203 -24.13 -16.95 21.51
C GLN A 203 -22.65 -17.18 21.80
N LEU A 204 -21.84 -17.19 20.72
CA LEU A 204 -20.40 -17.40 20.78
C LEU A 204 -19.73 -16.29 21.59
N PHE A 205 -20.21 -15.05 21.44
CA PHE A 205 -19.64 -13.93 22.18
C PHE A 205 -19.90 -14.09 23.67
N GLU A 206 -21.16 -14.42 24.01
CA GLU A 206 -21.58 -14.72 25.37
C GLU A 206 -20.60 -15.70 26.01
N ALA A 207 -20.22 -16.73 25.25
CA ALA A 207 -19.24 -17.70 25.71
C ALA A 207 -17.91 -17.01 26.02
N ARG A 208 -17.46 -16.11 25.12
CA ARG A 208 -16.18 -15.47 25.30
C ARG A 208 -16.25 -14.56 26.51
N LYS A 209 -17.47 -14.10 26.83
CA LYS A 209 -17.74 -13.27 28.00
C LYS A 209 -17.50 -14.09 29.26
N LEU A 210 -17.89 -15.37 29.24
CA LEU A 210 -17.91 -16.21 30.42
C LEU A 210 -16.56 -16.88 30.64
N LEU A 211 -15.70 -16.84 29.61
CA LEU A 211 -14.41 -17.52 29.67
C LEU A 211 -13.31 -16.55 30.10
N ARG A 212 -13.48 -15.26 29.74
CA ARG A 212 -12.44 -14.27 29.96
C ARG A 212 -12.07 -14.22 31.44
N PRO A 213 -13.05 -14.18 32.38
CA PRO A 213 -12.73 -14.15 33.82
C PRO A 213 -11.79 -15.27 34.25
N ILE A 214 -12.15 -16.52 33.90
CA ILE A 214 -11.40 -17.68 34.31
C ILE A 214 -10.04 -17.72 33.60
N LEU A 215 -9.99 -17.17 32.38
CA LEU A 215 -8.74 -17.02 31.66
C LEU A 215 -7.84 -16.03 32.41
N GLN A 216 -8.46 -15.10 33.13
CA GLN A 216 -7.71 -14.06 33.83
C GLN A 216 -7.45 -14.47 35.27
N ASP A 217 -8.42 -15.15 35.88
CA ASP A 217 -8.33 -15.59 37.27
C ASP A 217 -7.34 -16.74 37.37
N ASN A 218 -6.99 -17.31 36.22
CA ASN A 218 -6.07 -18.44 36.12
C ASN A 218 -4.69 -17.94 35.71
N ALA A 219 -4.64 -16.74 35.14
CA ALA A 219 -3.38 -16.10 34.79
C ALA A 219 -2.80 -15.43 36.03
N ASN A 220 -3.66 -15.23 37.03
CA ASN A 220 -3.27 -14.62 38.29
C ASN A 220 -3.13 -15.69 39.36
N ASN A 221 -2.61 -15.28 40.52
CA ASN A 221 -2.27 -16.18 41.61
C ASN A 221 -3.52 -16.82 42.18
N ASN A 222 -3.46 -18.16 42.32
CA ASN A 222 -4.27 -18.89 43.27
C ASN A 222 -3.75 -18.51 44.67
N VAL A 223 -4.66 -18.05 45.53
CA VAL A 223 -4.32 -17.57 46.86
C VAL A 223 -4.79 -18.61 47.89
N GLN A 224 -3.83 -19.25 48.57
CA GLN A 224 -4.10 -20.30 49.53
C GLN A 224 -4.75 -19.71 50.78
N ARG A 225 -5.22 -20.60 51.67
CA ARG A 225 -5.94 -20.19 52.88
C ARG A 225 -5.40 -20.95 54.08
N ASN A 226 -5.45 -22.29 54.05
CA ASN A 226 -4.70 -23.07 55.01
C ASN A 226 -3.23 -23.07 54.60
N ILE A 227 -2.50 -22.09 55.13
CA ILE A 227 -1.16 -21.76 54.69
C ILE A 227 -0.18 -22.88 55.05
N TYR A 228 -0.67 -23.92 55.73
CA TYR A 228 0.17 -24.99 56.23
C TYR A 228 -0.05 -26.26 55.42
N ASN A 229 -0.95 -26.21 54.44
CA ASN A 229 -1.30 -27.39 53.68
C ASN A 229 -0.08 -27.89 52.92
N VAL A 230 0.47 -29.02 53.38
CA VAL A 230 1.54 -29.73 52.69
C VAL A 230 0.93 -30.47 51.49
N VAL A 238 -5.39 -30.67 40.03
CA VAL A 238 -5.78 -29.28 40.45
C VAL A 238 -7.29 -29.14 40.27
N ASP A 239 -7.80 -27.93 40.49
CA ASP A 239 -9.20 -27.61 40.21
C ASP A 239 -9.42 -27.66 38.70
N ALA A 240 -10.68 -27.88 38.31
CA ALA A 240 -11.06 -28.08 36.93
C ALA A 240 -10.57 -26.93 36.06
N LYS A 241 -10.96 -25.70 36.45
CA LYS A 241 -10.80 -24.50 35.63
C LYS A 241 -9.33 -24.25 35.31
N HIS A 242 -8.45 -24.48 36.28
CA HIS A 242 -7.08 -24.02 36.21
C HIS A 242 -6.29 -24.76 35.11
N LEU A 243 -6.96 -25.64 34.36
CA LEU A 243 -6.31 -26.38 33.28
C LEU A 243 -6.47 -25.67 31.94
N ILE A 244 -7.44 -24.75 31.85
CA ILE A 244 -7.67 -23.92 30.68
C ILE A 244 -6.38 -23.15 30.36
N GLU A 245 -5.69 -23.58 29.29
CA GLU A 245 -4.47 -22.90 28.88
C GLU A 245 -4.83 -21.55 28.28
N ASP A 246 -5.78 -21.57 27.33
CA ASP A 246 -6.06 -20.41 26.50
C ASP A 246 -7.23 -20.74 25.56
N ILE A 247 -7.68 -19.70 24.85
CA ILE A 247 -8.77 -19.75 23.90
C ILE A 247 -8.15 -19.51 22.52
N ARG A 248 -8.81 -19.98 21.45
CA ARG A 248 -8.13 -20.04 20.15
C ARG A 248 -9.12 -19.95 18.99
N GLU A 249 -8.72 -19.17 17.98
CA GLU A 249 -9.48 -18.90 16.76
C GLU A 249 -10.89 -18.44 17.11
N TYR A 250 -10.97 -17.42 17.97
CA TYR A 250 -12.22 -16.94 18.53
C TYR A 250 -12.62 -15.63 17.86
N ASP A 251 -11.67 -15.02 17.15
CA ASP A 251 -11.85 -13.70 16.58
C ASP A 251 -11.77 -13.77 15.06
N VAL A 252 -11.99 -14.97 14.50
CA VAL A 252 -12.10 -15.11 13.06
C VAL A 252 -13.44 -14.51 12.64
N PRO A 253 -13.46 -13.45 11.79
CA PRO A 253 -14.71 -12.87 11.33
C PRO A 253 -15.59 -14.03 10.87
N TYR A 254 -16.89 -13.95 11.15
CA TYR A 254 -17.69 -15.14 10.96
C TYR A 254 -17.74 -15.54 9.48
N HIS A 255 -17.98 -14.57 8.59
CA HIS A 255 -18.19 -14.92 7.18
C HIS A 255 -16.90 -15.47 6.56
N VAL A 256 -15.75 -15.02 7.10
CA VAL A 256 -14.43 -15.52 6.72
C VAL A 256 -14.38 -17.00 7.09
N ARG A 257 -14.94 -17.31 8.26
CA ARG A 257 -15.00 -18.68 8.75
C ARG A 257 -15.73 -19.55 7.73
N VAL A 258 -16.93 -19.13 7.33
CA VAL A 258 -17.71 -19.93 6.38
C VAL A 258 -16.96 -20.01 5.04
N SER A 259 -16.66 -18.84 4.47
CA SER A 259 -16.01 -18.73 3.17
C SER A 259 -14.82 -19.67 3.12
N ILE A 260 -14.03 -19.69 4.19
CA ILE A 260 -12.85 -20.55 4.27
C ILE A 260 -13.29 -22.01 4.37
N ASP A 261 -14.06 -22.33 5.42
CA ASP A 261 -14.40 -23.72 5.72
C ASP A 261 -15.10 -24.40 4.55
N LYS A 262 -15.99 -23.68 3.86
CA LYS A 262 -16.74 -24.28 2.77
C LYS A 262 -16.01 -24.11 1.43
N ASP A 263 -14.91 -23.36 1.41
CA ASP A 263 -14.10 -23.13 0.22
C ASP A 263 -14.88 -22.37 -0.86
N ILE A 264 -15.69 -21.39 -0.44
CA ILE A 264 -16.50 -20.62 -1.37
C ILE A 264 -15.80 -19.28 -1.61
N ARG A 265 -15.87 -18.81 -2.87
CA ARG A 265 -15.26 -17.55 -3.24
C ARG A 265 -16.12 -16.85 -4.28
N VAL A 266 -16.27 -15.54 -4.10
CA VAL A 266 -16.89 -14.65 -5.07
C VAL A 266 -16.08 -14.68 -6.35
N GLY A 267 -16.77 -14.52 -7.50
CA GLY A 267 -16.12 -14.55 -8.79
C GLY A 267 -16.07 -15.95 -9.39
N LYS A 268 -16.37 -16.95 -8.56
CA LYS A 268 -16.35 -18.34 -8.98
C LYS A 268 -17.79 -18.79 -9.30
N TRP A 269 -17.91 -19.75 -10.23
CA TRP A 269 -19.21 -20.26 -10.65
C TRP A 269 -19.64 -21.43 -9.78
N TYR A 270 -20.84 -21.35 -9.19
CA TYR A 270 -21.32 -22.42 -8.33
C TYR A 270 -22.69 -22.91 -8.77
N LYS A 271 -22.96 -24.19 -8.50
CA LYS A 271 -24.32 -24.71 -8.52
C LYS A 271 -24.77 -25.00 -7.09
N VAL A 272 -25.81 -24.29 -6.65
CA VAL A 272 -26.43 -24.45 -5.34
C VAL A 272 -27.34 -25.66 -5.38
N THR A 273 -26.99 -26.66 -4.55
CA THR A 273 -27.69 -27.93 -4.50
C THR A 273 -27.96 -28.28 -3.04
N GLN A 274 -28.82 -29.29 -2.82
CA GLN A 274 -29.21 -29.73 -1.48
C GLN A 274 -27.95 -29.91 -0.63
N GLN A 275 -26.97 -30.61 -1.19
CA GLN A 275 -25.75 -31.04 -0.48
C GLN A 275 -24.89 -29.83 -0.14
N GLY A 276 -25.03 -28.76 -0.95
CA GLY A 276 -24.24 -27.55 -0.78
C GLY A 276 -23.93 -26.90 -2.13
N PHE A 277 -22.70 -26.40 -2.26
CA PHE A 277 -22.25 -25.68 -3.44
C PHE A 277 -21.21 -26.52 -4.18
N ILE A 278 -21.30 -26.54 -5.53
CA ILE A 278 -20.30 -27.21 -6.32
C ILE A 278 -19.73 -26.21 -7.32
N GLU A 279 -18.42 -25.97 -7.21
CA GLU A 279 -17.74 -25.11 -8.16
C GLU A 279 -17.84 -25.77 -9.54
N ASP A 280 -18.57 -25.10 -10.44
CA ASP A 280 -18.63 -25.48 -11.83
C ASP A 280 -17.33 -25.00 -12.49
N THR A 281 -16.30 -25.86 -12.39
CA THR A 281 -14.93 -25.54 -12.75
C THR A 281 -14.79 -25.45 -14.27
N ARG A 282 -15.92 -25.45 -14.99
CA ARG A 282 -15.91 -25.54 -16.44
C ARG A 282 -16.14 -24.16 -17.06
N LYS A 283 -16.87 -23.29 -16.35
CA LYS A 283 -17.17 -21.96 -16.87
C LYS A 283 -15.93 -21.08 -16.76
N ILE A 284 -15.49 -20.59 -17.93
CA ILE A 284 -14.22 -19.92 -18.12
C ILE A 284 -14.22 -18.57 -17.39
N ALA A 285 -15.06 -17.63 -17.85
CA ALA A 285 -14.93 -16.22 -17.51
C ALA A 285 -16.10 -15.72 -16.69
N PHE A 286 -15.90 -14.57 -16.04
CA PHE A 286 -16.89 -13.99 -15.14
C PHE A 286 -18.19 -13.70 -15.87
N ALA A 287 -19.21 -13.32 -15.10
CA ALA A 287 -20.47 -12.87 -15.67
C ALA A 287 -20.37 -11.38 -15.95
N ASP A 288 -21.51 -10.74 -16.23
CA ASP A 288 -21.49 -9.33 -16.53
C ASP A 288 -22.47 -8.61 -15.61
N PRO A 289 -22.09 -8.36 -14.33
CA PRO A 289 -22.95 -7.64 -13.40
C PRO A 289 -23.25 -6.28 -14.03
N VAL A 290 -24.43 -5.73 -13.68
CA VAL A 290 -24.79 -4.40 -14.11
C VAL A 290 -24.08 -3.41 -13.20
N VAL A 291 -23.13 -2.67 -13.77
CA VAL A 291 -22.39 -1.70 -12.98
C VAL A 291 -22.92 -0.32 -13.31
N MET A 292 -22.91 0.56 -12.31
CA MET A 292 -23.37 1.93 -12.45
C MET A 292 -22.51 2.79 -11.53
N ALA A 293 -21.93 3.87 -12.07
CA ALA A 293 -21.01 4.70 -11.33
C ALA A 293 -21.47 6.15 -11.42
N PHE A 294 -21.58 6.82 -10.26
CA PHE A 294 -22.16 8.14 -10.22
C PHE A 294 -21.19 9.16 -9.63
N ALA A 295 -21.56 10.44 -9.79
CA ALA A 295 -20.85 11.56 -9.21
C ALA A 295 -21.85 12.69 -9.01
N ILE A 296 -21.76 13.38 -7.87
CA ILE A 296 -22.70 14.45 -7.57
C ILE A 296 -21.98 15.80 -7.61
N ALA A 297 -22.71 16.82 -8.07
CA ALA A 297 -22.23 18.20 -8.06
C ALA A 297 -23.01 18.98 -7.01
N THR A 298 -22.32 19.87 -6.31
CA THR A 298 -22.85 20.49 -5.11
C THR A 298 -22.65 22.00 -5.15
N THR A 299 -23.65 22.74 -4.67
CA THR A 299 -23.51 24.15 -4.38
C THR A 299 -22.53 24.30 -3.22
N LYS A 300 -21.89 25.48 -3.12
CA LYS A 300 -20.85 25.69 -2.12
C LYS A 300 -20.65 27.19 -1.90
N PRO A 301 -20.54 27.66 -0.63
CA PRO A 301 -20.19 29.06 -0.36
C PRO A 301 -18.84 29.40 -0.96
N PRO A 302 -18.50 30.70 -1.12
CA PRO A 302 -17.15 31.09 -1.51
C PRO A 302 -16.18 30.80 -0.37
N LEU A 303 -15.12 30.04 -0.68
CA LEU A 303 -13.98 29.79 0.20
C LEU A 303 -14.38 28.84 1.34
N LYS A 304 -15.34 27.95 1.08
CA LYS A 304 -15.78 26.99 2.08
C LYS A 304 -16.00 25.63 1.43
N PHE A 305 -16.21 24.59 2.25
CA PHE A 305 -16.56 23.27 1.75
C PHE A 305 -18.09 23.14 1.72
N PRO A 306 -18.65 22.27 0.85
CA PRO A 306 -20.08 21.99 0.86
C PRO A 306 -20.53 21.51 2.24
N ASP A 307 -21.73 21.94 2.65
CA ASP A 307 -22.33 21.54 3.91
C ASP A 307 -23.70 20.91 3.65
N SER A 308 -23.96 19.79 4.33
CA SER A 308 -25.14 18.96 4.12
C SER A 308 -26.41 19.66 4.60
N ALA A 309 -26.25 20.63 5.52
CA ALA A 309 -27.39 21.40 6.01
C ALA A 309 -27.74 22.51 5.03
N VAL A 310 -26.77 23.40 4.78
CA VAL A 310 -27.02 24.66 4.10
C VAL A 310 -27.07 24.43 2.59
N ASP A 311 -26.24 23.50 2.10
CA ASP A 311 -26.03 23.33 0.66
C ASP A 311 -26.95 22.26 0.09
N GLN A 312 -27.24 22.41 -1.22
CA GLN A 312 -28.09 21.52 -1.99
C GLN A 312 -27.24 20.84 -3.06
N ILE A 313 -27.81 19.85 -3.74
CA ILE A 313 -27.06 19.13 -4.78
C ILE A 313 -27.48 19.65 -6.16
N MET A 314 -26.50 20.22 -6.89
CA MET A 314 -26.74 20.74 -8.22
C MET A 314 -27.11 19.60 -9.16
N MET A 315 -26.14 18.71 -9.42
CA MET A 315 -26.29 17.68 -10.45
C MET A 315 -25.90 16.32 -9.90
N ILE A 316 -26.31 15.26 -10.62
CA ILE A 316 -25.86 13.91 -10.37
C ILE A 316 -25.63 13.23 -11.72
N SER A 317 -24.35 13.00 -12.04
CA SER A 317 -23.97 12.31 -13.26
C SER A 317 -23.65 10.86 -12.96
N TYR A 318 -23.94 9.97 -13.92
CA TYR A 318 -23.70 8.55 -13.76
C TYR A 318 -23.65 7.83 -15.11
N MET A 319 -23.24 6.57 -15.07
CA MET A 319 -23.17 5.69 -16.23
C MET A 319 -23.61 4.29 -15.83
N ILE A 320 -24.16 3.56 -16.80
CA ILE A 320 -24.68 2.22 -16.58
C ILE A 320 -24.33 1.41 -17.84
N ASP A 321 -23.26 0.63 -17.74
CA ASP A 321 -22.80 -0.26 -18.80
C ASP A 321 -22.60 0.50 -20.10
N GLY A 322 -22.15 1.76 -20.01
CA GLY A 322 -21.80 2.54 -21.19
C GLY A 322 -22.87 3.57 -21.57
N GLU A 323 -24.10 3.37 -21.08
CA GLU A 323 -25.14 4.38 -21.22
C GLU A 323 -24.99 5.40 -20.10
N GLY A 324 -25.00 6.68 -20.46
CA GLY A 324 -24.67 7.77 -19.54
C GLY A 324 -25.88 8.65 -19.22
N PHE A 325 -25.83 9.29 -18.04
CA PHE A 325 -26.99 10.00 -17.50
C PHE A 325 -26.54 11.20 -16.66
N LEU A 326 -27.45 12.17 -16.55
CA LEU A 326 -27.25 13.38 -15.75
C LEU A 326 -28.61 13.85 -15.23
N ILE A 327 -28.67 14.17 -13.93
CA ILE A 327 -29.92 14.61 -13.36
C ILE A 327 -29.73 16.01 -12.78
N THR A 328 -30.63 16.91 -13.17
CA THR A 328 -30.45 18.34 -12.98
C THR A 328 -31.43 18.86 -11.93
N ASN A 329 -30.89 19.62 -10.96
CA ASN A 329 -31.73 20.41 -10.07
C ASN A 329 -32.02 21.74 -10.77
N ARG A 330 -33.26 21.87 -11.26
CA ARG A 330 -33.66 22.99 -12.09
C ARG A 330 -33.72 24.27 -11.26
N GLU A 331 -33.89 24.11 -9.94
CA GLU A 331 -33.95 25.24 -9.03
C GLU A 331 -32.58 25.89 -8.89
N ILE A 332 -31.53 25.17 -9.30
CA ILE A 332 -30.17 25.69 -9.24
C ILE A 332 -29.62 25.87 -10.66
N ILE A 333 -29.73 24.85 -11.50
CA ILE A 333 -29.32 24.97 -12.89
C ILE A 333 -30.42 25.68 -13.67
N SER A 334 -30.11 26.91 -14.12
CA SER A 334 -31.05 27.84 -14.72
C SER A 334 -31.58 27.31 -16.04
N GLU A 335 -30.66 27.10 -16.99
CA GLU A 335 -30.97 26.59 -18.32
C GLU A 335 -31.37 25.11 -18.23
N ASP A 336 -32.23 24.67 -19.14
CA ASP A 336 -32.50 23.25 -19.36
C ASP A 336 -31.30 22.69 -20.14
N ILE A 337 -31.00 21.40 -19.98
CA ILE A 337 -29.85 20.84 -20.66
C ILE A 337 -30.25 19.71 -21.61
N GLU A 338 -29.56 19.66 -22.75
CA GLU A 338 -29.95 18.84 -23.89
C GLU A 338 -29.03 17.63 -23.99
N ASP A 339 -29.61 16.48 -24.38
CA ASP A 339 -28.84 15.27 -24.67
C ASP A 339 -27.58 15.65 -25.45
N PHE A 340 -26.41 15.31 -24.90
CA PHE A 340 -25.15 15.56 -25.57
C PHE A 340 -24.22 14.36 -25.37
N GLU A 341 -23.01 14.45 -25.92
CA GLU A 341 -22.04 13.37 -25.89
C GLU A 341 -20.70 13.89 -25.38
N TYR A 342 -20.02 13.04 -24.58
CA TYR A 342 -18.65 13.27 -24.15
C TYR A 342 -17.87 11.98 -24.34
N THR A 343 -17.07 11.92 -25.41
CA THR A 343 -16.28 10.74 -25.73
C THR A 343 -14.80 11.13 -25.74
N PRO A 344 -14.14 11.21 -24.55
CA PRO A 344 -12.81 11.81 -24.42
C PRO A 344 -11.76 11.16 -25.32
N LYS A 345 -11.73 9.82 -25.32
CA LYS A 345 -11.06 9.04 -26.34
C LYS A 345 -12.09 8.09 -26.94
N PRO A 346 -11.84 7.49 -28.12
CA PRO A 346 -12.84 6.64 -28.78
C PRO A 346 -13.24 5.38 -28.02
N GLU A 347 -12.35 4.89 -27.14
CA GLU A 347 -12.58 3.65 -26.42
C GLU A 347 -13.46 3.90 -25.19
N TYR A 348 -13.77 5.17 -24.92
CA TYR A 348 -14.59 5.52 -23.78
C TYR A 348 -15.85 6.25 -24.24
N PRO A 349 -16.82 5.58 -24.89
CA PRO A 349 -18.04 6.24 -25.37
C PRO A 349 -18.99 6.64 -24.25
N GLY A 350 -19.38 7.92 -24.25
CA GLY A 350 -20.35 8.42 -23.29
C GLY A 350 -21.44 9.25 -23.96
N PHE A 351 -22.56 8.60 -24.29
CA PHE A 351 -23.78 9.29 -24.66
C PHE A 351 -24.54 9.61 -23.39
N PHE A 352 -24.95 10.88 -23.23
CA PHE A 352 -25.62 11.30 -22.01
C PHE A 352 -27.00 11.87 -22.32
N THR A 353 -28.04 11.05 -22.09
CA THR A 353 -29.39 11.58 -22.04
C THR A 353 -29.59 12.23 -20.67
N ILE A 354 -30.46 13.23 -20.61
CA ILE A 354 -30.55 14.04 -19.41
C ILE A 354 -31.97 14.01 -18.85
N PHE A 355 -32.04 14.20 -17.54
CA PHE A 355 -33.27 14.28 -16.77
C PHE A 355 -33.25 15.58 -15.98
N ASN A 356 -33.73 16.65 -16.61
CA ASN A 356 -33.87 17.93 -15.92
C ASN A 356 -35.09 17.83 -14.99
N GLU A 357 -34.84 17.89 -13.68
CA GLU A 357 -35.87 17.63 -12.70
C GLU A 357 -36.09 18.87 -11.84
N ASN A 358 -37.32 19.04 -11.39
CA ASN A 358 -37.83 20.32 -10.94
C ASN A 358 -37.23 20.69 -9.58
N ASP A 359 -37.34 19.76 -8.62
CA ASP A 359 -36.95 20.02 -7.25
C ASP A 359 -35.64 19.28 -6.95
N GLU A 360 -34.99 19.65 -5.83
CA GLU A 360 -33.88 18.89 -5.27
C GLU A 360 -34.37 17.51 -4.87
N VAL A 361 -35.66 17.42 -4.52
CA VAL A 361 -36.29 16.16 -4.16
C VAL A 361 -36.43 15.28 -5.40
N ALA A 362 -37.05 15.84 -6.44
CA ALA A 362 -37.33 15.09 -7.67
C ALA A 362 -36.04 14.58 -8.27
N LEU A 363 -34.93 15.23 -7.89
CA LEU A 363 -33.58 14.82 -8.25
C LEU A 363 -33.18 13.59 -7.45
N LEU A 364 -33.38 13.63 -6.12
CA LEU A 364 -33.04 12.51 -5.26
C LEU A 364 -33.94 11.32 -5.59
N GLN A 365 -35.16 11.60 -6.06
CA GLN A 365 -36.15 10.56 -6.26
C GLN A 365 -36.03 9.97 -7.67
N ARG A 366 -35.51 10.77 -8.60
CA ARG A 366 -35.25 10.27 -9.94
C ARG A 366 -34.00 9.39 -9.91
N PHE A 367 -33.10 9.71 -8.96
CA PHE A 367 -31.89 8.94 -8.71
C PHE A 367 -32.27 7.55 -8.22
N PHE A 368 -32.96 7.49 -7.07
CA PHE A 368 -33.26 6.23 -6.42
C PHE A 368 -34.07 5.33 -7.36
N GLU A 369 -35.06 5.92 -8.03
CA GLU A 369 -36.00 5.19 -8.88
C GLU A 369 -35.25 4.42 -9.96
N HIS A 370 -34.27 5.09 -10.58
CA HIS A 370 -33.49 4.51 -11.67
C HIS A 370 -32.67 3.32 -11.15
N ILE A 371 -32.06 3.50 -9.98
CA ILE A 371 -31.22 2.47 -9.36
C ILE A 371 -32.09 1.26 -9.05
N ARG A 372 -33.36 1.51 -8.74
CA ARG A 372 -34.32 0.48 -8.41
C ARG A 372 -34.71 -0.27 -9.67
N ASP A 373 -34.65 0.42 -10.82
CA ASP A 373 -35.09 -0.14 -12.09
C ASP A 373 -34.01 -1.03 -12.69
N VAL A 374 -32.78 -0.50 -12.78
CA VAL A 374 -31.69 -1.14 -13.50
C VAL A 374 -31.12 -2.30 -12.68
N ARG A 375 -31.20 -2.17 -11.35
CA ARG A 375 -30.85 -3.21 -10.38
C ARG A 375 -29.36 -3.50 -10.40
N PRO A 376 -28.49 -2.55 -10.02
CA PRO A 376 -27.04 -2.71 -10.17
C PRO A 376 -26.44 -3.49 -9.00
N THR A 377 -25.61 -4.50 -9.31
CA THR A 377 -24.92 -5.27 -8.31
C THR A 377 -23.56 -4.65 -7.96
N VAL A 378 -23.17 -3.62 -8.73
CA VAL A 378 -21.99 -2.81 -8.46
C VAL A 378 -22.36 -1.34 -8.59
N ILE A 379 -22.00 -0.53 -7.57
CA ILE A 379 -22.18 0.90 -7.64
C ILE A 379 -20.86 1.59 -7.37
N SER A 380 -20.28 2.20 -8.42
CA SER A 380 -18.94 2.77 -8.34
C SER A 380 -19.01 4.26 -8.01
N THR A 381 -18.01 4.73 -7.26
CA THR A 381 -17.88 6.15 -6.97
C THR A 381 -16.40 6.49 -6.78
N PHE A 382 -16.07 7.77 -6.93
CA PHE A 382 -14.73 8.25 -6.62
C PHE A 382 -14.78 9.03 -5.31
N ASN A 383 -14.25 8.40 -4.27
CA ASN A 383 -14.32 8.92 -2.91
C ASN A 383 -15.76 9.08 -2.47
N GLY A 384 -16.65 8.26 -3.03
CA GLY A 384 -18.07 8.34 -2.70
C GLY A 384 -18.36 8.01 -1.24
N ASP A 385 -17.43 7.33 -0.57
CA ASP A 385 -17.65 6.88 0.79
C ASP A 385 -17.71 8.06 1.75
N PHE A 386 -16.93 9.12 1.46
CA PHE A 386 -16.78 10.14 2.48
C PHE A 386 -17.36 11.49 2.03
N PHE A 387 -17.76 11.58 0.75
CA PHE A 387 -18.45 12.78 0.30
C PHE A 387 -19.79 12.44 -0.32
N ASP A 388 -19.78 11.83 -1.52
CA ASP A 388 -20.98 11.66 -2.33
C ASP A 388 -22.12 11.08 -1.50
N TRP A 389 -21.91 9.88 -0.93
CA TRP A 389 -22.97 9.13 -0.27
C TRP A 389 -23.49 9.89 0.96
N PRO A 390 -22.62 10.37 1.87
CA PRO A 390 -23.06 11.06 3.08
C PRO A 390 -23.76 12.38 2.79
N PHE A 391 -23.53 12.94 1.59
CA PHE A 391 -24.19 14.15 1.16
C PHE A 391 -25.60 13.79 0.69
N ILE A 392 -25.70 12.78 -0.19
CA ILE A 392 -26.97 12.30 -0.70
C ILE A 392 -27.87 11.86 0.45
N HIS A 393 -27.25 11.28 1.49
CA HIS A 393 -27.99 10.71 2.62
C HIS A 393 -28.58 11.81 3.49
N ASN A 394 -27.77 12.82 3.80
CA ASN A 394 -28.20 13.86 4.71
C ASN A 394 -29.28 14.72 4.05
N ARG A 395 -29.13 14.97 2.75
CA ARG A 395 -30.09 15.74 1.96
C ARG A 395 -31.37 14.93 1.76
N SER A 396 -31.29 13.62 2.04
CA SER A 396 -32.44 12.74 1.97
C SER A 396 -33.16 12.74 3.31
N LYS A 397 -32.37 12.87 4.39
CA LYS A 397 -32.88 12.92 5.75
C LYS A 397 -33.67 14.21 5.94
N ILE A 398 -33.22 15.27 5.25
CA ILE A 398 -33.86 16.58 5.29
C ILE A 398 -35.31 16.45 4.85
N HIS A 399 -35.53 15.79 3.71
CA HIS A 399 -36.83 15.69 3.09
C HIS A 399 -37.58 14.46 3.61
N GLY A 400 -37.06 13.87 4.69
CA GLY A 400 -37.70 12.74 5.35
C GLY A 400 -37.85 11.54 4.43
N LEU A 401 -36.93 11.41 3.46
CA LEU A 401 -36.82 10.21 2.66
C LEU A 401 -35.88 9.26 3.38
N ASP A 402 -36.15 7.95 3.25
CA ASP A 402 -35.31 6.94 3.88
C ASP A 402 -34.54 6.18 2.80
N MET A 403 -33.27 6.58 2.63
CA MET A 403 -32.37 6.06 1.61
C MET A 403 -32.30 4.53 1.70
N PHE A 404 -32.23 4.00 2.93
CA PHE A 404 -32.19 2.56 3.14
C PHE A 404 -33.42 1.90 2.53
N ASP A 405 -34.62 2.41 2.86
CA ASP A 405 -35.88 1.88 2.36
C ASP A 405 -35.99 2.09 0.85
N GLU A 406 -35.30 3.11 0.35
CA GLU A 406 -35.42 3.56 -1.03
C GLU A 406 -34.46 2.81 -1.96
N ILE A 407 -33.19 2.65 -1.56
CA ILE A 407 -32.21 1.95 -2.39
C ILE A 407 -31.43 0.87 -1.64
N GLY A 408 -31.62 0.77 -0.32
CA GLY A 408 -31.03 -0.34 0.43
C GLY A 408 -29.65 -0.04 1.00
N PHE A 409 -29.18 1.21 0.87
CA PHE A 409 -27.85 1.61 1.33
C PHE A 409 -27.95 2.32 2.68
N ALA A 410 -27.01 2.00 3.58
CA ALA A 410 -26.87 2.66 4.87
C ALA A 410 -25.39 2.80 5.20
N PRO A 411 -25.00 3.63 6.19
CA PRO A 411 -23.67 3.53 6.78
C PRO A 411 -23.47 2.17 7.46
N ASP A 412 -22.21 1.83 7.71
CA ASP A 412 -21.84 0.71 8.57
C ASP A 412 -20.99 1.28 9.71
N ALA A 413 -20.50 0.39 10.59
CA ALA A 413 -19.88 0.81 11.83
C ALA A 413 -18.55 1.48 11.58
N GLU A 414 -18.24 1.82 10.31
CA GLU A 414 -17.03 2.57 9.99
C GLU A 414 -17.40 3.80 9.16
N GLY A 415 -18.70 3.96 8.88
CA GLY A 415 -19.18 5.19 8.26
C GLY A 415 -19.09 5.15 6.74
N GLU A 416 -18.76 3.97 6.19
CA GLU A 416 -18.76 3.76 4.76
C GLU A 416 -20.16 3.30 4.36
N TYR A 417 -20.56 3.62 3.12
CA TYR A 417 -21.90 3.29 2.65
C TYR A 417 -21.85 1.97 1.88
N LYS A 418 -22.60 1.00 2.41
CA LYS A 418 -22.66 -0.35 1.87
C LYS A 418 -24.13 -0.72 1.74
N SER A 419 -24.40 -1.65 0.81
CA SER A 419 -25.72 -2.22 0.65
C SER A 419 -25.58 -3.73 0.69
N SER A 420 -26.73 -4.43 0.72
CA SER A 420 -26.76 -5.88 0.78
C SER A 420 -26.44 -6.45 -0.59
N TYR A 421 -27.33 -6.19 -1.56
CA TYR A 421 -27.31 -6.79 -2.88
C TYR A 421 -26.18 -6.22 -3.73
N CYS A 422 -25.81 -4.96 -3.47
CA CYS A 422 -24.93 -4.25 -4.39
C CYS A 422 -23.63 -3.82 -3.69
N SER A 423 -22.50 -4.30 -4.23
CA SER A 423 -21.18 -3.87 -3.79
C SER A 423 -20.96 -2.41 -4.15
N HIS A 424 -20.39 -1.64 -3.21
CA HIS A 424 -20.07 -0.24 -3.48
C HIS A 424 -18.56 -0.05 -3.59
N MET A 425 -18.13 0.20 -4.83
CA MET A 425 -16.73 0.12 -5.22
C MET A 425 -16.15 1.52 -5.38
N ASP A 426 -15.60 2.03 -4.27
CA ASP A 426 -15.04 3.38 -4.23
C ASP A 426 -13.64 3.36 -4.84
N CYS A 427 -13.57 3.65 -6.14
CA CYS A 427 -12.33 3.60 -6.91
C CYS A 427 -11.18 4.28 -6.17
N PHE A 428 -11.49 5.21 -5.28
CA PHE A 428 -10.45 5.94 -4.54
C PHE A 428 -9.67 5.00 -3.62
N ARG A 429 -10.34 3.94 -3.14
CA ARG A 429 -9.69 3.00 -2.26
C ARG A 429 -8.67 2.22 -3.09
N TRP A 430 -9.08 1.82 -4.30
CA TRP A 430 -8.14 1.16 -5.18
C TRP A 430 -6.96 2.10 -5.42
N VAL A 431 -7.27 3.35 -5.80
CA VAL A 431 -6.28 4.33 -6.20
C VAL A 431 -5.21 4.43 -5.12
N LYS A 432 -5.61 4.58 -3.85
CA LYS A 432 -4.65 4.78 -2.77
C LYS A 432 -3.90 3.48 -2.45
N ARG A 433 -4.58 2.33 -2.50
CA ARG A 433 -3.93 1.09 -2.13
C ARG A 433 -3.12 0.48 -3.28
N ASP A 434 -3.70 0.39 -4.49
CA ASP A 434 -3.28 -0.58 -5.49
C ASP A 434 -2.79 0.03 -6.81
N SER A 435 -2.92 1.35 -7.00
CA SER A 435 -2.66 1.99 -8.28
C SER A 435 -1.16 2.12 -8.51
N TYR A 436 -0.43 2.25 -7.40
CA TYR A 436 1.00 2.48 -7.31
C TYR A 436 1.32 3.94 -7.64
N LEU A 437 0.31 4.82 -7.55
CA LEU A 437 0.51 6.24 -7.82
C LEU A 437 0.93 6.96 -6.55
N PRO A 438 1.68 8.08 -6.65
CA PRO A 438 2.12 8.82 -5.46
C PRO A 438 0.92 9.64 -5.00
N GLN A 439 1.03 10.24 -3.82
CA GLN A 439 -0.15 10.83 -3.20
C GLN A 439 -0.62 12.03 -4.02
N GLY A 440 0.34 12.77 -4.59
CA GLY A 440 0.04 13.89 -5.47
C GLY A 440 -0.38 13.46 -6.88
N SER A 441 -0.85 12.22 -7.02
CA SER A 441 -1.47 11.81 -8.27
C SER A 441 -2.74 11.02 -7.99
N GLN A 442 -3.05 10.84 -6.71
CA GLN A 442 -4.22 10.08 -6.28
C GLN A 442 -5.47 10.93 -6.46
N GLY A 443 -5.30 12.14 -7.03
CA GLY A 443 -6.42 12.99 -7.40
C GLY A 443 -7.20 12.43 -8.59
N LEU A 444 -8.48 12.81 -8.71
CA LEU A 444 -9.28 12.20 -9.76
C LEU A 444 -8.66 12.54 -11.10
N LYS A 445 -8.36 13.84 -11.29
CA LYS A 445 -7.82 14.35 -12.54
C LYS A 445 -6.62 13.50 -12.94
N ALA A 446 -5.58 13.55 -12.11
CA ALA A 446 -4.29 12.91 -12.37
C ALA A 446 -4.45 11.41 -12.59
N VAL A 447 -5.35 10.78 -11.84
CA VAL A 447 -5.59 9.36 -12.05
C VAL A 447 -6.07 9.19 -13.49
N THR A 448 -7.13 9.93 -13.86
CA THR A 448 -7.70 9.92 -15.21
C THR A 448 -6.60 10.11 -16.24
N GLN A 449 -5.67 11.05 -15.95
CA GLN A 449 -4.51 11.31 -16.80
C GLN A 449 -3.66 10.05 -16.86
N SER A 450 -3.13 9.64 -15.71
CA SER A 450 -2.22 8.50 -15.62
C SER A 450 -2.85 7.24 -16.20
N LYS A 451 -4.08 6.95 -15.76
CA LYS A 451 -4.63 5.61 -15.86
C LYS A 451 -5.35 5.40 -17.19
N LEU A 452 -6.13 6.40 -17.62
CA LEU A 452 -6.97 6.20 -18.79
C LEU A 452 -6.36 6.91 -20.00
N GLY A 453 -5.40 7.82 -19.74
CA GLY A 453 -4.64 8.48 -20.78
C GLY A 453 -5.43 9.57 -21.49
N TYR A 454 -5.88 10.58 -20.72
CA TYR A 454 -6.53 11.77 -21.25
C TYR A 454 -6.72 12.77 -20.11
N ASN A 455 -7.04 14.03 -20.48
CA ASN A 455 -7.32 15.08 -19.51
C ASN A 455 -8.82 15.24 -19.38
N PRO A 456 -9.39 15.08 -18.16
CA PRO A 456 -10.83 15.25 -17.95
C PRO A 456 -11.15 16.74 -17.89
N ILE A 457 -12.42 17.09 -18.12
CA ILE A 457 -12.83 18.48 -18.02
C ILE A 457 -12.41 18.97 -16.65
N GLU A 458 -11.84 20.19 -16.61
CA GLU A 458 -11.51 20.85 -15.37
C GLU A 458 -12.52 21.96 -15.12
N LEU A 459 -12.69 22.32 -13.84
CA LEU A 459 -13.54 23.42 -13.44
C LEU A 459 -13.16 23.84 -12.04
N ASP A 460 -13.03 25.16 -11.84
CA ASP A 460 -12.68 25.71 -10.54
C ASP A 460 -13.84 25.43 -9.59
N PRO A 461 -13.55 24.98 -8.35
CA PRO A 461 -14.60 24.74 -7.34
C PRO A 461 -15.47 25.97 -7.07
N GLU A 462 -14.81 27.10 -6.81
CA GLU A 462 -15.46 28.36 -6.45
C GLU A 462 -16.27 28.89 -7.64
N LEU A 463 -16.12 28.23 -8.80
CA LEU A 463 -16.81 28.60 -10.02
C LEU A 463 -18.09 27.79 -10.17
N MET A 464 -18.09 26.58 -9.63
CA MET A 464 -19.12 25.60 -9.93
C MET A 464 -20.48 26.14 -9.49
N THR A 465 -20.50 26.78 -8.31
CA THR A 465 -21.71 27.32 -7.72
C THR A 465 -22.26 28.46 -8.58
N PRO A 466 -21.44 29.49 -8.93
CA PRO A 466 -21.78 30.43 -10.00
C PRO A 466 -22.24 29.82 -11.33
N TYR A 467 -21.44 28.92 -11.90
CA TYR A 467 -21.68 28.38 -13.22
C TYR A 467 -23.00 27.61 -13.25
N ALA A 468 -23.64 27.49 -12.09
CA ALA A 468 -25.00 26.98 -12.03
C ALA A 468 -25.91 27.89 -12.86
N PHE A 469 -25.89 29.19 -12.54
CA PHE A 469 -26.71 30.20 -13.18
C PHE A 469 -26.12 30.57 -14.54
N GLU A 470 -24.89 31.12 -14.52
CA GLU A 470 -24.26 31.78 -15.66
C GLU A 470 -24.06 30.81 -16.81
N LYS A 471 -23.07 29.92 -16.67
CA LYS A 471 -22.66 29.02 -17.74
C LYS A 471 -22.96 27.58 -17.35
N PRO A 472 -24.21 27.10 -17.50
CA PRO A 472 -24.61 25.79 -17.02
C PRO A 472 -24.12 24.65 -17.91
N GLN A 473 -24.16 24.86 -19.23
CA GLN A 473 -23.74 23.83 -20.18
C GLN A 473 -22.27 23.48 -19.97
N HIS A 474 -21.49 24.46 -19.48
CA HIS A 474 -20.10 24.24 -19.15
C HIS A 474 -19.98 23.24 -18.00
N LEU A 475 -20.68 23.56 -16.90
CA LEU A 475 -20.65 22.77 -15.67
C LEU A 475 -21.25 21.39 -15.90
N SER A 476 -22.35 21.36 -16.67
CA SER A 476 -22.99 20.11 -17.08
C SER A 476 -21.94 19.16 -17.64
N GLU A 477 -21.16 19.64 -18.60
CA GLU A 477 -20.17 18.86 -19.31
C GLU A 477 -19.07 18.37 -18.37
N TYR A 478 -18.92 19.03 -17.22
CA TYR A 478 -17.91 18.67 -16.22
C TYR A 478 -18.45 17.56 -15.32
N SER A 479 -19.63 17.79 -14.73
CA SER A 479 -20.33 16.79 -13.95
C SER A 479 -20.29 15.45 -14.69
N VAL A 480 -20.52 15.51 -16.00
CA VAL A 480 -20.56 14.35 -16.88
C VAL A 480 -19.17 13.74 -17.00
N SER A 481 -18.13 14.58 -16.94
CA SER A 481 -16.76 14.11 -17.08
C SER A 481 -16.32 13.32 -15.85
N ASP A 482 -16.69 13.82 -14.67
CA ASP A 482 -16.41 13.17 -13.40
C ASP A 482 -16.92 11.72 -13.44
N ALA A 483 -17.99 11.47 -14.19
CA ALA A 483 -18.64 10.17 -14.21
C ALA A 483 -17.97 9.24 -15.23
N VAL A 484 -17.65 9.78 -16.41
CA VAL A 484 -17.05 9.01 -17.49
C VAL A 484 -15.66 8.54 -17.04
N ALA A 485 -14.97 9.39 -16.27
CA ALA A 485 -13.67 9.06 -15.73
C ALA A 485 -13.82 7.99 -14.65
N THR A 486 -14.96 7.99 -13.96
CA THR A 486 -15.17 7.04 -12.86
C THR A 486 -15.57 5.69 -13.43
N TYR A 487 -16.54 5.71 -14.36
CA TYR A 487 -17.10 4.46 -14.84
C TYR A 487 -16.04 3.65 -15.59
N TYR A 488 -15.18 4.34 -16.34
CA TYR A 488 -14.18 3.68 -17.17
C TYR A 488 -12.97 3.30 -16.32
N LEU A 489 -12.63 4.16 -15.34
CA LEU A 489 -11.62 3.80 -14.35
C LEU A 489 -12.03 2.51 -13.66
N TYR A 490 -13.31 2.42 -13.24
CA TYR A 490 -13.75 1.23 -12.54
C TYR A 490 -13.57 0.00 -13.42
N MET A 491 -14.05 0.08 -14.67
CA MET A 491 -14.28 -1.10 -15.48
C MET A 491 -12.96 -1.69 -15.96
N LYS A 492 -12.01 -0.80 -16.28
CA LYS A 492 -10.80 -1.23 -16.97
C LYS A 492 -9.70 -1.61 -15.98
N TYR A 493 -9.95 -1.34 -14.67
CA TYR A 493 -8.90 -1.44 -13.66
C TYR A 493 -9.41 -2.09 -12.38
N VAL A 494 -10.45 -1.51 -11.77
CA VAL A 494 -10.90 -1.95 -10.47
C VAL A 494 -11.60 -3.30 -10.61
N HIS A 495 -12.64 -3.34 -11.44
CA HIS A 495 -13.50 -4.51 -11.57
C HIS A 495 -12.68 -5.77 -11.69
N PRO A 496 -11.82 -5.89 -12.74
CA PRO A 496 -11.07 -7.12 -12.97
C PRO A 496 -10.23 -7.50 -11.76
N PHE A 497 -9.58 -6.50 -11.13
CA PHE A 497 -8.58 -6.77 -10.10
C PHE A 497 -9.26 -7.37 -8.88
N ILE A 498 -10.21 -6.63 -8.32
CA ILE A 498 -10.93 -6.97 -7.11
C ILE A 498 -11.63 -8.31 -7.29
N PHE A 499 -12.46 -8.40 -8.34
CA PHE A 499 -13.28 -9.59 -8.57
C PHE A 499 -12.40 -10.83 -8.74
N SER A 500 -11.27 -10.68 -9.44
CA SER A 500 -10.34 -11.79 -9.59
C SER A 500 -9.73 -12.15 -8.23
N LEU A 501 -9.37 -11.11 -7.46
CA LEU A 501 -8.72 -11.22 -6.18
C LEU A 501 -9.61 -11.93 -5.16
N CYS A 502 -10.94 -11.80 -5.35
CA CYS A 502 -11.94 -12.42 -4.49
C CYS A 502 -11.97 -13.92 -4.68
N THR A 503 -11.49 -14.38 -5.84
CA THR A 503 -11.51 -15.81 -6.13
C THR A 503 -10.47 -16.54 -5.29
N ILE A 504 -9.51 -15.79 -4.72
CA ILE A 504 -8.53 -16.42 -3.86
C ILE A 504 -8.65 -15.90 -2.43
N ILE A 505 -9.28 -14.72 -2.26
CA ILE A 505 -9.38 -14.14 -0.92
C ILE A 505 -10.80 -14.33 -0.39
N PRO A 506 -10.95 -14.91 0.82
CA PRO A 506 -12.27 -15.20 1.39
C PRO A 506 -13.11 -14.01 1.82
N LEU A 507 -13.02 -12.91 1.08
CA LEU A 507 -13.78 -11.72 1.42
C LEU A 507 -14.75 -11.37 0.28
N ASN A 508 -15.79 -10.63 0.62
CA ASN A 508 -16.69 -10.09 -0.39
C ASN A 508 -15.98 -8.91 -1.05
N PRO A 509 -16.41 -8.46 -2.26
CA PRO A 509 -15.68 -7.43 -2.99
C PRO A 509 -15.44 -6.12 -2.20
N ASP A 510 -16.40 -5.73 -1.37
CA ASP A 510 -16.29 -4.50 -0.60
C ASP A 510 -15.08 -4.55 0.32
N GLU A 511 -14.79 -5.71 0.92
CA GLU A 511 -13.73 -5.82 1.89
C GLU A 511 -12.40 -6.06 1.18
N THR A 512 -12.43 -6.86 0.10
CA THR A 512 -11.26 -7.01 -0.74
C THR A 512 -10.73 -5.65 -1.15
N LEU A 513 -11.63 -4.75 -1.56
CA LEU A 513 -11.25 -3.45 -2.06
C LEU A 513 -10.66 -2.62 -0.93
N ARG A 514 -11.18 -2.83 0.29
CA ARG A 514 -10.97 -1.87 1.35
C ARG A 514 -9.93 -2.32 2.37
N LYS A 515 -9.90 -3.60 2.71
CA LYS A 515 -9.01 -4.06 3.78
C LYS A 515 -7.56 -3.71 3.47
N GLY A 516 -6.74 -3.54 4.51
CA GLY A 516 -5.31 -3.35 4.34
C GLY A 516 -4.67 -4.53 3.62
N THR A 517 -3.48 -4.28 3.03
CA THR A 517 -2.80 -5.33 2.30
C THR A 517 -2.18 -6.33 3.26
N GLY A 518 -1.88 -5.88 4.47
CA GLY A 518 -1.45 -6.79 5.53
C GLY A 518 -2.53 -7.79 5.89
N THR A 519 -3.79 -7.35 5.83
CA THR A 519 -4.93 -8.18 6.17
C THR A 519 -5.17 -9.17 5.04
N LEU A 520 -5.05 -8.68 3.80
CA LEU A 520 -5.28 -9.54 2.66
C LEU A 520 -4.36 -10.77 2.80
N CYS A 521 -3.08 -10.51 3.09
CA CYS A 521 -2.09 -11.54 3.37
C CYS A 521 -2.55 -12.48 4.48
N GLU A 522 -3.09 -11.92 5.58
CA GLU A 522 -3.55 -12.74 6.69
C GLU A 522 -4.60 -13.73 6.17
N MET A 523 -5.58 -13.21 5.43
CA MET A 523 -6.69 -14.04 4.96
C MET A 523 -6.15 -15.24 4.23
N LEU A 524 -5.27 -14.97 3.25
CA LEU A 524 -4.65 -15.98 2.41
C LEU A 524 -3.91 -16.99 3.27
N LEU A 525 -3.16 -16.50 4.26
CA LEU A 525 -2.43 -17.37 5.16
C LEU A 525 -3.40 -18.21 6.00
N MET A 526 -4.58 -17.67 6.28
CA MET A 526 -5.53 -18.45 7.07
C MET A 526 -6.07 -19.64 6.27
N VAL A 527 -6.32 -19.48 4.96
CA VAL A 527 -6.88 -20.57 4.16
C VAL A 527 -5.89 -21.72 4.09
N GLN A 528 -4.61 -21.36 3.90
CA GLN A 528 -3.51 -22.30 3.83
C GLN A 528 -3.38 -23.02 5.18
N ALA A 529 -3.34 -22.25 6.27
CA ALA A 529 -3.18 -22.84 7.59
C ALA A 529 -4.38 -23.72 7.91
N TYR A 530 -5.55 -23.30 7.46
CA TYR A 530 -6.74 -24.09 7.73
C TYR A 530 -6.64 -25.42 6.97
N GLN A 531 -6.15 -25.35 5.73
CA GLN A 531 -6.22 -26.46 4.81
C GLN A 531 -5.12 -27.48 5.07
N HIS A 532 -4.15 -27.11 5.91
CA HIS A 532 -3.16 -28.09 6.35
C HIS A 532 -3.44 -28.51 7.79
N ASN A 533 -4.66 -28.21 8.27
CA ASN A 533 -5.09 -28.47 9.64
C ASN A 533 -4.14 -27.85 10.66
N ILE A 534 -3.54 -26.70 10.33
CA ILE A 534 -2.67 -25.99 11.26
C ILE A 534 -3.47 -25.02 12.12
N LEU A 535 -3.28 -25.09 13.44
CA LEU A 535 -4.00 -24.25 14.39
C LEU A 535 -3.46 -22.83 14.23
N LEU A 536 -4.39 -21.85 14.26
CA LEU A 536 -4.04 -20.45 14.02
C LEU A 536 -3.57 -19.81 15.32
N PRO A 537 -2.36 -19.22 15.34
CA PRO A 537 -1.94 -18.44 16.49
C PRO A 537 -2.88 -17.26 16.71
N ASN A 538 -3.04 -16.88 17.99
CA ASN A 538 -3.77 -15.68 18.37
C ASN A 538 -3.02 -14.45 17.87
N LYS A 539 -3.76 -13.35 17.66
CA LYS A 539 -3.16 -12.10 17.23
C LYS A 539 -2.03 -11.74 18.20
N HIS A 540 -1.03 -11.01 17.70
CA HIS A 540 0.09 -10.63 18.53
C HIS A 540 -0.29 -9.48 19.45
N THR A 541 0.43 -9.38 20.58
CA THR A 541 0.25 -8.32 21.55
C THR A 541 1.63 -7.77 21.92
N ASP A 542 1.72 -6.44 22.02
CA ASP A 542 2.98 -5.77 22.30
C ASP A 542 3.10 -5.54 23.81
N PRO A 543 4.29 -5.75 24.40
CA PRO A 543 4.51 -5.43 25.82
C PRO A 543 4.39 -3.91 25.96
N ILE A 544 3.77 -3.49 27.07
CA ILE A 544 3.46 -2.10 27.32
C ILE A 544 4.74 -1.32 27.64
N GLU A 545 5.82 -2.05 27.96
CA GLU A 545 7.16 -1.49 28.00
C GLU A 545 8.20 -2.61 28.06
N ARG A 546 9.31 -2.40 27.35
CA ARG A 546 10.42 -3.34 27.33
C ARG A 546 11.66 -2.60 27.82
N PHE A 547 12.71 -3.36 28.18
CA PHE A 547 13.93 -2.80 28.73
C PHE A 547 15.13 -3.49 28.07
N TYR A 548 16.31 -2.91 28.28
CA TYR A 548 17.54 -3.41 27.69
C TYR A 548 18.73 -2.82 28.44
N ASP A 549 19.62 -3.71 28.91
CA ASP A 549 20.82 -3.37 29.65
C ASP A 549 20.47 -2.47 30.85
N GLY A 550 19.21 -2.51 31.29
CA GLY A 550 18.73 -1.70 32.40
C GLY A 550 17.87 -0.53 31.94
N HIS A 551 18.07 -0.11 30.68
CA HIS A 551 17.43 1.08 30.13
C HIS A 551 16.06 0.73 29.56
N LEU A 552 15.05 1.56 29.88
CA LEU A 552 13.74 1.49 29.25
C LEU A 552 13.92 1.67 27.75
N LEU A 553 13.12 0.94 26.96
CA LEU A 553 13.19 0.98 25.51
C LEU A 553 12.15 1.94 24.95
N GLU A 554 12.60 2.78 24.01
CA GLU A 554 11.74 3.69 23.27
C GLU A 554 11.15 2.93 22.08
N SER A 555 12.03 2.40 21.23
CA SER A 555 11.64 1.69 20.03
C SER A 555 12.71 0.67 19.65
N GLU A 556 12.29 -0.52 19.22
CA GLU A 556 13.22 -1.46 18.62
C GLU A 556 12.76 -1.83 17.21
N THR A 557 13.71 -1.84 16.27
CA THR A 557 13.51 -2.43 14.95
C THR A 557 14.79 -3.16 14.51
N TYR A 558 14.91 -3.37 13.19
CA TYR A 558 16.06 -4.00 12.58
C TYR A 558 16.60 -3.07 11.49
N VAL A 559 17.88 -3.21 11.18
CA VAL A 559 18.51 -2.44 10.12
C VAL A 559 17.87 -2.86 8.80
N GLY A 560 17.07 -1.95 8.21
CA GLY A 560 16.33 -2.24 7.00
C GLY A 560 17.24 -2.25 5.77
N GLY A 561 16.83 -1.49 4.74
CA GLY A 561 17.52 -1.49 3.46
C GLY A 561 18.85 -0.77 3.53
N HIS A 562 19.70 -1.03 2.54
CA HIS A 562 20.97 -0.34 2.38
C HIS A 562 20.91 0.59 1.18
N VAL A 563 20.92 1.91 1.46
CA VAL A 563 20.89 2.95 0.44
C VAL A 563 22.25 3.62 0.38
N GLU A 564 22.59 4.14 -0.82
CA GLU A 564 23.84 4.84 -1.05
C GLU A 564 23.69 5.80 -2.23
N SER A 565 24.03 7.07 -1.99
CA SER A 565 24.40 7.92 -3.11
C SER A 565 25.91 7.90 -3.26
N LEU A 566 26.39 7.72 -4.49
CA LEU A 566 27.81 7.63 -4.74
C LEU A 566 28.27 8.88 -5.49
N GLU A 567 27.61 9.19 -6.62
CA GLU A 567 28.03 10.27 -7.49
C GLU A 567 26.81 11.05 -7.98
N ALA A 568 26.90 12.38 -7.94
CA ALA A 568 25.85 13.24 -8.47
C ALA A 568 26.26 13.81 -9.83
N GLY A 569 25.37 14.63 -10.41
CA GLY A 569 25.63 15.32 -11.66
C GLY A 569 24.89 14.67 -12.81
N VAL A 570 25.06 15.26 -14.01
CA VAL A 570 24.48 14.75 -15.24
C VAL A 570 25.41 13.70 -15.82
N PHE A 571 24.81 12.63 -16.35
CA PHE A 571 25.52 11.56 -17.04
C PHE A 571 24.70 11.20 -18.27
N ARG A 572 25.23 11.55 -19.46
CA ARG A 572 24.52 11.38 -20.72
C ARG A 572 25.34 10.47 -21.62
N SER A 573 24.65 9.83 -22.57
CA SER A 573 25.22 8.77 -23.40
C SER A 573 26.20 9.34 -24.43
N ASP A 574 26.07 10.64 -24.72
CA ASP A 574 26.86 11.29 -25.77
C ASP A 574 28.06 12.03 -25.18
N LEU A 575 28.16 12.03 -23.84
CA LEU A 575 29.21 12.74 -23.14
C LEU A 575 30.14 11.75 -22.45
N LYS A 576 31.46 11.96 -22.60
CA LYS A 576 32.49 11.01 -22.22
C LYS A 576 32.68 10.99 -20.70
N ASN A 577 33.13 9.85 -20.17
CA ASN A 577 33.36 9.68 -18.75
C ASN A 577 34.65 8.88 -18.52
N GLU A 578 35.31 9.10 -17.39
CA GLU A 578 36.61 8.51 -17.10
C GLU A 578 36.46 7.32 -16.15
N PHE A 579 37.04 6.17 -16.53
CA PHE A 579 36.94 4.94 -15.76
C PHE A 579 38.32 4.37 -15.49
N LYS A 580 38.49 3.81 -14.28
CA LYS A 580 39.70 3.13 -13.87
C LYS A 580 39.34 1.73 -13.40
N ILE A 581 39.29 0.80 -14.36
CA ILE A 581 38.83 -0.57 -14.16
C ILE A 581 39.85 -1.35 -13.32
N ASP A 582 39.40 -1.81 -12.14
CA ASP A 582 40.19 -2.67 -11.27
C ASP A 582 40.68 -3.88 -12.06
N PRO A 583 41.99 -4.19 -12.02
CA PRO A 583 42.57 -5.21 -12.89
C PRO A 583 42.28 -6.64 -12.41
N SER A 584 42.17 -6.79 -11.09
CA SER A 584 41.99 -8.09 -10.44
C SER A 584 40.54 -8.51 -10.47
N ALA A 585 39.66 -7.55 -10.81
CA ALA A 585 38.23 -7.81 -10.97
C ALA A 585 37.97 -8.50 -12.29
N ILE A 586 38.58 -7.96 -13.37
CA ILE A 586 38.40 -8.51 -14.70
C ILE A 586 39.20 -9.81 -14.84
N ASP A 587 40.21 -9.98 -13.98
CA ASP A 587 40.88 -11.26 -13.83
C ASP A 587 39.89 -12.26 -13.26
N GLU A 588 39.24 -11.87 -12.14
CA GLU A 588 38.25 -12.68 -11.43
C GLU A 588 37.14 -13.13 -12.37
N LEU A 589 36.68 -12.19 -13.22
CA LEU A 589 35.53 -12.46 -14.07
C LEU A 589 35.95 -13.26 -15.31
N LEU A 590 37.26 -13.21 -15.63
CA LEU A 590 37.80 -14.01 -16.74
C LEU A 590 37.73 -15.48 -16.36
N GLN A 591 38.09 -15.79 -15.11
CA GLN A 591 37.98 -17.13 -14.55
C GLN A 591 36.51 -17.54 -14.51
N GLU A 592 35.63 -16.57 -14.23
CA GLU A 592 34.24 -16.84 -13.92
C GLU A 592 33.38 -16.90 -15.19
N LEU A 593 33.95 -16.57 -16.35
CA LEU A 593 33.14 -16.51 -17.56
C LEU A 593 32.55 -17.89 -17.90
N PRO A 594 33.27 -19.03 -17.74
CA PRO A 594 32.76 -20.33 -18.18
C PRO A 594 31.48 -20.75 -17.44
N GLU A 595 31.54 -20.77 -16.11
CA GLU A 595 30.45 -21.24 -15.28
C GLU A 595 29.25 -20.30 -15.42
N ALA A 596 29.52 -18.99 -15.33
CA ALA A 596 28.49 -17.95 -15.32
C ALA A 596 27.74 -17.86 -16.65
N LEU A 597 28.36 -18.38 -17.73
CA LEU A 597 27.70 -18.36 -19.02
C LEU A 597 26.96 -19.68 -19.24
N LYS A 598 27.51 -20.77 -18.68
CA LYS A 598 26.79 -22.03 -18.59
C LYS A 598 25.57 -21.82 -17.70
N PHE A 599 25.80 -21.13 -16.57
CA PHE A 599 24.75 -20.65 -15.70
C PHE A 599 23.69 -19.91 -16.52
N SER A 600 24.15 -18.93 -17.29
CA SER A 600 23.28 -18.04 -18.04
C SER A 600 22.34 -18.83 -18.94
N VAL A 601 22.78 -20.03 -19.35
CA VAL A 601 21.97 -20.86 -20.24
C VAL A 601 21.28 -21.95 -19.45
N GLU A 602 21.93 -22.42 -18.38
CA GLU A 602 21.44 -23.56 -17.61
C GLU A 602 20.27 -23.15 -16.70
N VAL A 603 20.23 -21.88 -16.27
CA VAL A 603 19.16 -21.42 -15.42
C VAL A 603 18.44 -20.22 -16.04
N GLU A 604 19.18 -19.15 -16.35
CA GLU A 604 18.58 -17.92 -16.79
C GLU A 604 17.53 -18.19 -17.87
N ASN A 605 17.83 -19.12 -18.79
CA ASN A 605 16.82 -19.53 -19.76
C ASN A 605 16.45 -20.98 -19.52
N LYS A 606 17.19 -21.64 -18.62
CA LYS A 606 16.93 -22.99 -18.13
C LYS A 606 17.03 -24.00 -19.28
N SER A 607 17.60 -23.54 -20.40
CA SER A 607 17.63 -24.29 -21.64
C SER A 607 18.91 -25.13 -21.71
N SER A 608 19.30 -25.71 -20.57
CA SER A 608 20.47 -26.56 -20.44
C SER A 608 21.71 -25.86 -21.01
N VAL A 609 22.38 -26.53 -21.97
CA VAL A 609 23.51 -25.97 -22.69
C VAL A 609 23.36 -26.38 -24.16
N ASP A 610 24.14 -25.73 -25.04
CA ASP A 610 24.30 -26.08 -26.43
C ASP A 610 22.95 -26.25 -27.13
N LYS A 611 22.00 -25.36 -26.77
CA LYS A 611 20.73 -25.28 -27.48
C LYS A 611 20.99 -24.81 -28.91
N VAL A 612 22.03 -23.99 -29.06
CA VAL A 612 22.59 -23.62 -30.36
C VAL A 612 24.11 -23.77 -30.27
N THR A 613 24.81 -23.17 -31.23
CA THR A 613 26.25 -23.40 -31.38
C THR A 613 27.05 -22.25 -30.79
N ASN A 614 26.42 -21.08 -30.64
CA ASN A 614 27.11 -19.80 -30.46
C ASN A 614 27.88 -19.75 -29.15
N PHE A 615 27.73 -20.78 -28.30
CA PHE A 615 28.34 -20.85 -26.99
C PHE A 615 29.84 -20.51 -27.04
N GLU A 616 30.40 -20.47 -28.26
CA GLU A 616 31.80 -20.16 -28.48
C GLU A 616 31.94 -18.89 -29.31
N GLU A 617 31.10 -18.76 -30.34
CA GLU A 617 31.06 -17.58 -31.19
C GLU A 617 30.63 -16.36 -30.37
N ILE A 618 30.50 -16.57 -29.05
CA ILE A 618 30.04 -15.56 -28.10
C ILE A 618 31.00 -15.48 -26.92
N LYS A 619 31.40 -16.65 -26.38
CA LYS A 619 32.36 -16.74 -25.29
C LYS A 619 33.73 -16.27 -25.76
N ASN A 620 33.87 -16.15 -27.08
CA ASN A 620 35.04 -15.53 -27.68
C ASN A 620 34.83 -14.01 -27.72
N GLN A 621 33.66 -13.57 -28.20
CA GLN A 621 33.37 -12.17 -28.46
C GLN A 621 33.35 -11.35 -27.17
N ILE A 622 32.97 -11.99 -26.06
CA ILE A 622 32.89 -11.32 -24.78
C ILE A 622 34.29 -10.92 -24.35
N THR A 623 35.23 -11.86 -24.48
CA THR A 623 36.62 -11.66 -24.10
C THR A 623 37.29 -10.65 -25.04
N GLN A 624 36.80 -10.59 -26.28
CA GLN A 624 37.32 -9.67 -27.29
C GLN A 624 37.11 -8.23 -26.84
N LYS A 625 36.38 -8.07 -25.72
CA LYS A 625 36.19 -6.78 -25.08
C LYS A 625 36.80 -6.82 -23.68
N LEU A 626 36.79 -8.01 -23.07
CA LEU A 626 37.31 -8.17 -21.72
C LEU A 626 38.84 -8.12 -21.74
N LEU A 627 39.45 -8.57 -22.84
CA LEU A 627 40.89 -8.59 -22.98
C LEU A 627 41.38 -7.18 -23.31
N GLU A 628 40.77 -6.59 -24.35
CA GLU A 628 41.05 -5.25 -24.83
C GLU A 628 40.81 -4.24 -23.70
N LEU A 629 40.18 -4.72 -22.63
CA LEU A 629 39.86 -3.88 -21.48
C LEU A 629 41.01 -3.91 -20.47
N LYS A 630 41.49 -5.11 -20.14
CA LYS A 630 42.34 -5.27 -18.97
C LYS A 630 43.66 -4.52 -19.14
N GLU A 631 44.12 -4.41 -20.41
CA GLU A 631 45.37 -3.74 -20.72
C GLU A 631 45.15 -2.23 -20.68
N ASN A 632 44.09 -1.76 -21.37
CA ASN A 632 43.71 -0.36 -21.40
C ASN A 632 42.74 -0.09 -20.24
N ASN A 633 43.23 -0.34 -19.01
CA ASN A 633 42.40 -0.41 -17.83
C ASN A 633 42.22 0.99 -17.23
N ILE A 634 42.61 2.00 -18.00
CA ILE A 634 42.33 3.40 -17.69
C ILE A 634 41.97 4.09 -19.01
N ARG A 635 40.67 4.06 -19.35
CA ARG A 635 40.20 4.74 -20.54
C ARG A 635 39.18 5.81 -20.15
N ASN A 636 38.75 6.59 -21.15
CA ASN A 636 37.80 7.67 -20.98
C ASN A 636 37.01 7.83 -22.27
N GLU A 637 35.75 7.37 -22.28
CA GLU A 637 34.91 7.43 -23.46
C GLU A 637 33.44 7.59 -23.06
N LEU A 638 32.55 7.25 -23.99
CA LEU A 638 31.10 7.37 -23.84
C LEU A 638 30.60 6.34 -22.82
N PRO A 639 29.46 6.60 -22.14
CA PRO A 639 28.97 5.70 -21.10
C PRO A 639 27.83 4.79 -21.54
N LEU A 640 27.61 3.76 -20.72
CA LEU A 640 26.40 2.94 -20.79
C LEU A 640 25.69 3.08 -19.46
N ILE A 641 24.52 3.73 -19.47
CA ILE A 641 23.78 3.99 -18.23
C ILE A 641 22.76 2.87 -18.03
N TYR A 642 22.91 2.16 -16.90
CA TYR A 642 22.16 0.95 -16.62
C TYR A 642 21.68 0.92 -15.18
N HIS A 643 20.44 0.46 -15.00
CA HIS A 643 19.89 0.07 -13.71
C HIS A 643 19.81 -1.44 -13.65
N VAL A 644 20.20 -2.02 -12.50
CA VAL A 644 19.97 -3.43 -12.23
C VAL A 644 19.31 -3.56 -10.85
N ASP A 645 18.39 -4.53 -10.74
CA ASP A 645 17.41 -4.56 -9.66
C ASP A 645 16.86 -5.97 -9.51
N VAL A 646 17.05 -6.55 -8.32
CA VAL A 646 16.61 -7.93 -8.12
C VAL A 646 15.09 -7.95 -8.07
N ALA A 647 14.53 -8.81 -8.93
CA ALA A 647 13.09 -8.91 -9.08
C ALA A 647 12.52 -9.60 -7.85
N SER A 648 11.59 -8.91 -7.19
CA SER A 648 10.88 -9.42 -6.02
C SER A 648 11.88 -9.84 -4.95
N MET A 649 12.71 -8.90 -4.50
CA MET A 649 13.85 -9.25 -3.66
C MET A 649 13.39 -10.01 -2.42
N TYR A 650 12.70 -9.31 -1.52
CA TYR A 650 12.39 -9.83 -0.19
C TYR A 650 11.64 -11.17 -0.32
N PRO A 651 10.60 -11.27 -1.18
CA PRO A 651 9.90 -12.54 -1.38
C PRO A 651 10.82 -13.67 -1.84
N ASN A 652 11.70 -13.38 -2.79
CA ASN A 652 12.66 -14.35 -3.30
C ASN A 652 13.70 -14.69 -2.22
N ILE A 653 14.10 -13.67 -1.44
CA ILE A 653 15.05 -13.92 -0.36
C ILE A 653 14.38 -14.84 0.64
N MET A 654 13.06 -14.68 0.81
CA MET A 654 12.29 -15.43 1.80
C MET A 654 12.08 -16.86 1.33
N THR A 655 11.63 -17.01 0.07
CA THR A 655 11.39 -18.34 -0.47
C THR A 655 12.69 -19.15 -0.44
N THR A 656 13.78 -18.56 -0.96
CA THR A 656 15.09 -19.18 -1.04
C THR A 656 15.56 -19.65 0.33
N ASN A 657 15.48 -18.78 1.34
CA ASN A 657 16.00 -19.15 2.64
C ASN A 657 14.94 -19.88 3.45
N ARG A 658 13.84 -20.27 2.79
CA ARG A 658 12.71 -20.89 3.43
C ARG A 658 12.41 -20.15 4.73
N LEU A 659 12.21 -18.84 4.59
CA LEU A 659 12.03 -17.93 5.71
C LEU A 659 10.56 -17.84 6.05
N GLN A 660 10.20 -18.20 7.29
CA GLN A 660 8.85 -17.98 7.78
C GLN A 660 8.85 -17.89 9.30
N PRO A 661 7.90 -17.14 9.91
CA PRO A 661 7.89 -16.93 11.36
C PRO A 661 8.06 -18.21 12.18
N ASP A 662 7.35 -19.27 11.77
CA ASP A 662 7.36 -20.53 12.50
C ASP A 662 8.69 -21.27 12.28
N SER A 663 9.45 -20.84 11.26
CA SER A 663 10.70 -21.50 10.91
C SER A 663 11.85 -20.91 11.73
N ILE A 664 11.53 -20.18 12.79
CA ILE A 664 12.54 -19.49 13.58
C ILE A 664 12.51 -20.07 14.98
N LYS A 665 13.51 -20.89 15.31
CA LYS A 665 13.51 -21.64 16.55
C LYS A 665 14.58 -21.08 17.50
N ALA A 666 14.44 -21.43 18.78
CA ALA A 666 15.35 -20.99 19.84
C ALA A 666 16.30 -22.11 20.25
N GLU A 667 16.73 -22.06 21.52
CA GLU A 667 17.47 -23.14 22.16
C GLU A 667 16.47 -24.24 22.55
N ARG A 668 15.47 -23.86 23.35
CA ARG A 668 14.46 -24.76 23.88
C ARG A 668 13.75 -25.50 22.76
N ASP A 669 13.71 -24.87 21.57
CA ASP A 669 12.90 -25.31 20.45
C ASP A 669 13.68 -26.30 19.59
N CYS A 670 14.90 -25.92 19.18
CA CYS A 670 15.64 -26.68 18.20
C CYS A 670 16.21 -27.95 18.84
N ALA A 671 16.51 -27.87 20.14
CA ALA A 671 17.15 -28.96 20.87
C ALA A 671 16.19 -30.15 21.01
N SER A 672 14.96 -29.88 21.47
CA SER A 672 13.96 -30.90 21.74
C SER A 672 13.46 -31.56 20.47
N CYS A 673 14.04 -31.18 19.33
CA CYS A 673 13.63 -31.71 18.03
C CYS A 673 14.37 -33.01 17.75
N ASP A 674 13.63 -34.01 17.27
CA ASP A 674 14.16 -35.35 17.07
C ASP A 674 15.05 -35.41 15.84
N PHE A 675 15.24 -34.26 15.18
CA PHE A 675 16.21 -34.15 14.10
C PHE A 675 17.48 -33.49 14.64
N ASN A 676 17.69 -33.59 15.96
CA ASN A 676 18.88 -33.08 16.62
C ASN A 676 19.97 -34.14 16.63
N ARG A 677 20.04 -34.92 15.54
CA ARG A 677 20.98 -36.03 15.40
C ARG A 677 22.31 -35.48 14.85
N PRO A 678 23.33 -36.34 14.61
CA PRO A 678 24.55 -35.91 13.92
C PRO A 678 24.26 -35.39 12.52
N GLY A 679 24.93 -34.30 12.14
CA GLY A 679 24.80 -33.74 10.80
C GLY A 679 23.51 -32.94 10.61
N LYS A 680 23.29 -31.97 11.50
CA LYS A 680 22.19 -31.02 11.40
C LYS A 680 22.33 -30.25 10.08
N THR A 681 21.53 -30.62 9.09
CA THR A 681 21.54 -29.98 7.78
C THR A 681 20.27 -29.15 7.63
N CYS A 682 19.59 -28.94 8.77
CA CYS A 682 18.24 -28.42 8.81
C CYS A 682 18.19 -27.14 9.65
N ALA A 683 19.31 -26.82 10.31
CA ALA A 683 19.41 -25.62 11.12
C ALA A 683 20.29 -24.60 10.41
N ARG A 684 19.66 -23.78 9.56
CA ARG A 684 20.36 -22.74 8.81
C ARG A 684 20.56 -21.53 9.71
N LYS A 685 21.82 -21.08 9.79
CA LYS A 685 22.23 -19.98 10.66
C LYS A 685 22.32 -18.69 9.82
N LEU A 686 21.51 -17.69 10.20
CA LEU A 686 21.42 -16.46 9.43
C LEU A 686 21.44 -15.26 10.37
N LYS A 687 22.13 -14.20 9.92
CA LYS A 687 22.37 -13.03 10.76
C LYS A 687 21.42 -11.90 10.37
N TRP A 688 20.85 -11.27 11.39
CA TRP A 688 20.11 -10.02 11.23
C TRP A 688 20.63 -9.01 12.25
N ALA A 689 20.29 -7.73 12.03
CA ALA A 689 20.82 -6.65 12.83
C ALA A 689 19.69 -5.97 13.61
N TRP A 690 19.62 -6.26 14.91
CA TRP A 690 18.69 -5.57 15.79
C TRP A 690 19.15 -4.14 16.05
N ARG A 691 18.19 -3.27 16.35
CA ARG A 691 18.48 -1.89 16.74
C ARG A 691 17.41 -1.40 17.71
N GLY A 692 17.88 -0.81 18.81
CA GLY A 692 17.01 -0.36 19.88
C GLY A 692 17.27 1.10 20.21
N GLU A 693 16.19 1.79 20.59
CA GLU A 693 16.26 3.18 20.99
C GLU A 693 15.76 3.27 22.43
N PHE A 694 16.64 3.74 23.32
CA PHE A 694 16.41 3.70 24.75
C PHE A 694 16.93 4.98 25.39
N PHE A 695 16.72 5.09 26.70
CA PHE A 695 17.24 6.22 27.46
C PHE A 695 18.59 5.82 28.06
N PRO A 696 19.59 6.74 28.12
CA PRO A 696 20.92 6.41 28.63
C PRO A 696 20.90 6.08 30.11
N SER A 697 19.75 6.35 30.74
CA SER A 697 19.43 5.88 32.09
C SER A 697 19.59 4.36 32.15
N LYS A 698 20.54 3.91 32.99
CA LYS A 698 20.74 2.49 33.27
C LYS A 698 19.73 2.05 34.33
N MET A 699 19.83 0.80 34.78
CA MET A 699 18.94 0.24 35.79
C MET A 699 18.66 1.27 36.87
N ASP A 700 19.74 1.79 37.47
CA ASP A 700 19.72 2.76 38.55
C ASP A 700 18.73 3.89 38.30
N GLU A 701 19.08 4.77 37.36
CA GLU A 701 18.34 5.99 37.07
C GLU A 701 16.92 5.63 36.65
N TYR A 702 16.81 4.71 35.68
CA TYR A 702 15.52 4.20 35.24
C TYR A 702 14.65 3.91 36.46
N ASN A 703 15.10 2.93 37.27
CA ASN A 703 14.38 2.53 38.47
C ASN A 703 14.15 3.74 39.37
N MET A 704 15.15 4.64 39.42
CA MET A 704 15.18 5.78 40.32
C MET A 704 14.10 6.80 39.93
N ILE A 705 13.56 6.67 38.71
CA ILE A 705 12.54 7.60 38.22
C ILE A 705 11.14 7.06 38.52
N LYS A 706 11.05 6.05 39.39
CA LYS A 706 9.77 5.64 39.92
C LYS A 706 9.04 6.89 40.41
N ARG A 707 9.72 7.64 41.28
CA ARG A 707 9.43 9.05 41.57
C ARG A 707 8.07 9.24 42.23
N ALA A 708 7.32 10.24 41.72
CA ALA A 708 6.20 10.86 42.40
C ALA A 708 5.02 9.89 42.51
N LEU A 709 4.36 9.62 41.38
CA LEU A 709 3.18 8.78 41.30
C LEU A 709 2.03 9.38 42.11
N GLN A 710 1.89 10.73 42.06
CA GLN A 710 0.98 11.39 42.99
C GLN A 710 0.25 12.58 42.35
N ASN A 711 0.43 12.82 41.04
CA ASN A 711 -0.28 13.90 40.37
C ASN A 711 -1.40 13.33 39.51
N GLU A 712 -2.60 13.22 40.09
CA GLU A 712 -3.71 12.52 39.46
C GLU A 712 -4.26 13.32 38.28
N THR A 713 -4.94 14.44 38.57
CA THR A 713 -5.32 15.45 37.60
C THR A 713 -6.11 14.86 36.42
N PHE A 714 -7.34 14.35 36.65
CA PHE A 714 -8.19 13.90 35.55
C PHE A 714 -9.69 13.84 35.88
N PRO A 715 -10.57 13.41 34.94
CA PRO A 715 -12.00 13.73 34.96
C PRO A 715 -13.00 12.66 35.42
N ASN A 716 -14.24 13.11 35.67
CA ASN A 716 -15.35 12.30 36.10
C ASN A 716 -16.30 12.05 34.93
N LYS A 717 -17.14 11.01 35.05
CA LYS A 717 -18.19 10.66 34.10
C LYS A 717 -17.59 10.44 32.70
N LYS A 722 -19.60 12.19 40.97
CA LYS A 722 -18.61 13.26 41.26
C LYS A 722 -17.26 12.61 41.60
N LYS A 723 -16.37 12.53 40.60
CA LYS A 723 -15.06 11.93 40.78
C LYS A 723 -14.04 13.03 41.08
N LYS A 724 -13.52 13.66 40.02
CA LYS A 724 -12.66 14.83 40.07
C LYS A 724 -11.43 14.59 40.96
N VAL A 725 -10.94 13.33 41.00
CA VAL A 725 -9.73 12.97 41.73
C VAL A 725 -9.34 11.52 41.43
N LEU A 726 -8.03 11.29 41.30
CA LEU A 726 -7.46 9.97 41.05
C LEU A 726 -6.15 9.81 41.81
N THR A 727 -5.36 8.79 41.45
CA THR A 727 -4.01 8.57 41.96
C THR A 727 -3.14 8.07 40.82
N PHE A 728 -1.86 7.83 41.09
CA PHE A 728 -1.01 7.11 40.15
C PHE A 728 -1.69 5.82 39.73
N ASP A 729 -2.09 5.03 40.73
CA ASP A 729 -2.50 3.64 40.54
C ASP A 729 -3.99 3.56 40.23
N GLU A 730 -4.64 4.72 40.11
CA GLU A 730 -6.04 4.79 39.73
C GLU A 730 -6.17 5.03 38.23
N LEU A 731 -5.05 5.42 37.60
CA LEU A 731 -4.97 5.60 36.16
C LEU A 731 -4.48 4.30 35.52
N SER A 732 -5.18 3.86 34.47
CA SER A 732 -4.87 2.62 33.79
C SER A 732 -3.43 2.65 33.26
N TYR A 733 -2.78 1.49 33.29
CA TYR A 733 -1.35 1.33 33.05
C TYR A 733 -0.90 2.08 31.79
N ALA A 734 -1.81 2.23 30.82
CA ALA A 734 -1.57 3.05 29.64
C ALA A 734 -1.32 4.49 30.06
N ASP A 735 -2.33 5.10 30.71
CA ASP A 735 -2.25 6.47 31.18
C ASP A 735 -1.04 6.66 32.10
N GLN A 736 -0.77 5.64 32.93
CA GLN A 736 0.34 5.64 33.86
C GLN A 736 1.67 5.73 33.10
N VAL A 737 1.80 4.89 32.07
CA VAL A 737 3.03 4.81 31.30
C VAL A 737 3.20 6.06 30.45
N ILE A 738 2.07 6.72 30.12
CA ILE A 738 2.10 7.98 29.41
C ILE A 738 2.79 9.04 30.28
N HIS A 739 2.42 9.06 31.58
CA HIS A 739 2.97 10.01 32.53
C HIS A 739 4.45 9.70 32.77
N ILE A 740 4.79 8.41 32.85
CA ILE A 740 6.16 7.98 33.11
C ILE A 740 7.07 8.48 31.99
N LYS A 741 6.54 8.52 30.76
CA LYS A 741 7.25 8.99 29.59
C LYS A 741 7.90 10.34 29.90
N LYS A 742 7.05 11.30 30.33
CA LYS A 742 7.46 12.66 30.66
C LYS A 742 8.64 12.66 31.62
N ARG A 743 8.41 12.19 32.85
CA ARG A 743 9.36 12.34 33.94
C ARG A 743 10.72 11.72 33.59
N LEU A 744 10.68 10.56 32.91
CA LEU A 744 11.85 9.75 32.61
C LEU A 744 12.79 10.48 31.65
N THR A 745 12.24 11.41 30.86
CA THR A 745 12.98 12.13 29.84
C THR A 745 13.93 13.15 30.48
N GLU A 746 13.52 13.66 31.65
CA GLU A 746 14.21 14.74 32.33
C GLU A 746 15.57 14.27 32.83
N TYR A 747 15.58 13.13 33.53
CA TYR A 747 16.77 12.65 34.24
C TYR A 747 17.80 12.09 33.28
N SER A 748 17.37 11.76 32.04
CA SER A 748 18.22 11.14 31.05
C SER A 748 19.20 12.15 30.46
N ARG A 749 18.66 13.29 29.99
CA ARG A 749 19.44 14.35 29.37
C ARG A 749 20.21 15.14 30.44
N LYS A 750 19.64 15.18 31.65
CA LYS A 750 20.19 15.96 32.75
C LYS A 750 21.52 15.38 33.24
N VAL A 751 21.71 14.07 33.04
CA VAL A 751 22.89 13.40 33.57
C VAL A 751 23.71 12.74 32.46
N TYR A 752 23.10 12.61 31.27
CA TYR A 752 23.64 11.79 30.19
C TYR A 752 24.25 12.62 29.07
N HIS A 753 23.65 13.79 28.80
CA HIS A 753 24.05 14.63 27.68
C HIS A 753 23.55 14.04 26.37
N ARG A 754 22.35 13.45 26.44
CA ARG A 754 21.62 12.83 25.34
C ARG A 754 20.28 12.34 25.88
N VAL A 755 19.29 12.16 24.99
CA VAL A 755 17.97 11.75 25.45
C VAL A 755 17.54 10.42 24.83
N LYS A 756 18.35 9.93 23.87
CA LYS A 756 18.15 8.64 23.22
C LYS A 756 19.50 8.07 22.78
N VAL A 757 19.78 6.83 23.20
CA VAL A 757 20.90 6.07 22.67
C VAL A 757 20.33 4.98 21.78
N SER A 758 20.95 4.80 20.61
CA SER A 758 20.57 3.72 19.72
C SER A 758 21.81 2.88 19.41
N GLU A 759 21.74 1.59 19.74
CA GLU A 759 22.85 0.70 19.49
C GLU A 759 22.39 -0.43 18.56
N ILE A 760 23.37 -1.03 17.86
CA ILE A 760 23.14 -2.17 16.98
C ILE A 760 23.90 -3.38 17.53
N VAL A 761 23.24 -4.54 17.55
CA VAL A 761 23.90 -5.79 17.81
C VAL A 761 23.52 -6.80 16.73
N GLU A 762 24.53 -7.43 16.11
CA GLU A 762 24.29 -8.55 15.22
C GLU A 762 23.74 -9.70 16.05
N ARG A 763 22.51 -10.11 15.71
CA ARG A 763 21.94 -11.33 16.25
C ARG A 763 22.11 -12.44 15.21
N GLU A 764 22.08 -13.68 15.70
CA GLU A 764 21.99 -14.85 14.85
C GLU A 764 20.59 -15.42 15.04
N ALA A 765 20.12 -16.14 14.02
CA ALA A 765 18.85 -16.85 14.12
C ALA A 765 18.94 -18.18 13.39
N ILE A 766 18.14 -19.14 13.86
CA ILE A 766 18.10 -20.50 13.37
C ILE A 766 16.83 -20.66 12.55
N VAL A 767 16.99 -20.78 11.23
CA VAL A 767 15.89 -20.98 10.30
C VAL A 767 15.77 -22.47 10.00
N CYS A 768 14.86 -23.14 10.74
CA CYS A 768 14.60 -24.55 10.54
C CYS A 768 14.18 -24.82 9.09
N GLN A 769 14.86 -25.78 8.44
CA GLN A 769 14.64 -26.05 7.04
C GLN A 769 13.58 -27.14 6.85
N ARG A 770 13.08 -27.70 7.96
CA ARG A 770 12.16 -28.82 7.92
C ARG A 770 10.73 -28.37 8.22
N GLU A 771 10.55 -27.10 8.61
CA GLU A 771 9.26 -26.66 9.12
C GLU A 771 8.21 -26.71 8.02
N ASN A 772 6.96 -26.90 8.46
CA ASN A 772 5.79 -26.81 7.60
C ASN A 772 5.82 -25.48 6.86
N PRO A 773 6.03 -25.49 5.52
CA PRO A 773 6.21 -24.26 4.75
C PRO A 773 4.94 -23.61 4.22
N PHE A 774 3.84 -23.72 4.99
CA PHE A 774 2.58 -23.12 4.57
C PHE A 774 2.73 -21.62 4.30
N TYR A 775 3.63 -20.93 5.03
CA TYR A 775 3.81 -19.49 4.88
C TYR A 775 4.65 -19.21 3.64
N VAL A 776 5.86 -19.79 3.61
CA VAL A 776 6.75 -19.68 2.46
C VAL A 776 5.94 -19.99 1.19
N ASP A 777 5.33 -21.18 1.15
CA ASP A 777 4.57 -21.62 -0.01
C ASP A 777 3.52 -20.57 -0.43
N THR A 778 2.91 -19.88 0.55
CA THR A 778 1.92 -18.87 0.24
C THR A 778 2.59 -17.69 -0.49
N VAL A 779 3.77 -17.31 -0.02
CA VAL A 779 4.53 -16.21 -0.58
C VAL A 779 4.87 -16.56 -2.04
N LYS A 780 5.47 -17.74 -2.25
CA LYS A 780 5.84 -18.24 -3.56
C LYS A 780 4.61 -18.22 -4.48
N SER A 781 3.48 -18.68 -3.95
CA SER A 781 2.28 -18.72 -4.76
C SER A 781 1.86 -17.32 -5.22
N PHE A 782 2.08 -16.31 -4.36
CA PHE A 782 1.57 -14.99 -4.69
C PHE A 782 2.55 -14.31 -5.63
N ARG A 783 3.85 -14.56 -5.40
CA ARG A 783 4.90 -14.10 -6.30
C ARG A 783 4.61 -14.66 -7.69
N ASP A 784 4.38 -15.98 -7.76
CA ASP A 784 4.06 -16.64 -9.02
C ASP A 784 2.87 -15.96 -9.66
N ARG A 785 1.78 -15.83 -8.89
CA ARG A 785 0.60 -15.12 -9.33
C ARG A 785 1.02 -13.86 -10.09
N ARG A 786 1.99 -13.13 -9.54
CA ARG A 786 2.38 -11.81 -10.04
C ARG A 786 3.30 -11.91 -11.25
N TYR A 787 4.34 -12.75 -11.19
CA TYR A 787 5.27 -12.91 -12.30
C TYR A 787 4.53 -13.16 -13.62
N GLU A 788 3.35 -13.78 -13.51
CA GLU A 788 2.51 -14.00 -14.67
C GLU A 788 2.36 -12.69 -15.42
N PHE A 789 1.93 -11.65 -14.70
CA PHE A 789 1.61 -10.37 -15.30
C PHE A 789 2.89 -9.62 -15.65
N LYS A 790 3.99 -9.90 -14.92
CA LYS A 790 5.28 -9.34 -15.26
C LYS A 790 5.89 -10.09 -16.44
N GLY A 791 5.28 -11.23 -16.77
CA GLY A 791 5.64 -11.96 -17.98
C GLY A 791 5.01 -11.27 -19.19
N LEU A 792 3.69 -11.08 -19.11
CA LEU A 792 2.93 -10.47 -20.17
C LEU A 792 3.37 -9.02 -20.39
N ALA A 793 3.76 -8.33 -19.32
CA ALA A 793 4.23 -6.95 -19.38
C ALA A 793 5.46 -6.86 -20.28
N LYS A 794 6.46 -7.73 -20.01
CA LYS A 794 7.69 -7.80 -20.77
C LYS A 794 7.40 -8.36 -22.16
N THR A 795 6.56 -9.40 -22.23
CA THR A 795 6.11 -9.94 -23.50
C THR A 795 5.64 -8.79 -24.38
N TRP A 796 4.66 -8.03 -23.89
CA TRP A 796 3.94 -7.04 -24.68
C TRP A 796 4.79 -5.81 -24.98
N LYS A 797 5.93 -5.64 -24.29
CA LYS A 797 6.78 -4.50 -24.54
C LYS A 797 7.44 -4.60 -25.92
N GLY A 798 7.73 -5.84 -26.32
CA GLY A 798 8.31 -6.11 -27.62
C GLY A 798 7.38 -6.92 -28.51
N ASN A 799 6.26 -7.38 -27.91
CA ASN A 799 5.36 -8.34 -28.54
C ASN A 799 4.86 -7.79 -29.87
N LEU A 800 4.29 -6.59 -29.81
CA LEU A 800 3.79 -5.91 -30.99
C LEU A 800 3.98 -4.41 -30.80
N SER A 801 4.86 -4.07 -29.83
CA SER A 801 5.26 -2.69 -29.64
C SER A 801 6.63 -2.48 -30.27
N LYS A 802 7.52 -3.47 -30.07
CA LYS A 802 8.87 -3.38 -30.59
C LYS A 802 8.90 -3.73 -32.08
N ILE A 803 8.68 -5.01 -32.40
CA ILE A 803 9.13 -5.56 -33.67
C ILE A 803 7.96 -6.01 -34.55
N ASP A 804 6.73 -6.01 -34.02
CA ASP A 804 5.60 -6.51 -34.78
C ASP A 804 4.94 -5.40 -35.61
N PRO A 805 4.91 -4.12 -35.15
CA PRO A 805 4.45 -3.02 -35.99
C PRO A 805 5.65 -2.35 -36.67
N SER A 806 5.39 -1.56 -37.71
CA SER A 806 6.48 -0.84 -38.37
C SER A 806 6.55 0.60 -37.85
N ASP A 807 5.77 0.89 -36.80
CA ASP A 807 5.56 2.22 -36.28
C ASP A 807 4.65 3.01 -37.22
N LYS A 808 4.30 2.36 -38.34
CA LYS A 808 3.46 2.92 -39.39
C LYS A 808 2.11 2.20 -39.40
N HIS A 809 1.96 1.25 -38.47
CA HIS A 809 0.67 0.64 -38.17
C HIS A 809 0.25 1.04 -36.75
N ALA A 810 -0.76 1.92 -36.66
CA ALA A 810 -1.25 2.45 -35.39
C ALA A 810 -1.94 1.34 -34.59
N ARG A 811 -1.12 0.42 -34.06
CA ARG A 811 -1.57 -0.53 -33.06
C ARG A 811 -1.11 -0.07 -31.68
N ASP A 812 -1.90 0.85 -31.11
CA ASP A 812 -1.89 1.23 -29.71
C ASP A 812 -2.40 0.06 -28.87
N GLU A 813 -2.76 -1.02 -29.56
CA GLU A 813 -3.39 -2.18 -28.93
C GLU A 813 -2.40 -2.81 -27.95
N ALA A 814 -1.12 -2.85 -28.34
CA ALA A 814 -0.07 -3.41 -27.50
C ALA A 814 0.28 -2.43 -26.38
N LYS A 815 0.04 -1.14 -26.66
CA LYS A 815 0.29 -0.06 -25.73
C LYS A 815 -0.82 -0.02 -24.68
N LYS A 816 -1.99 -0.60 -25.03
CA LYS A 816 -3.10 -0.75 -24.11
C LYS A 816 -2.85 -1.93 -23.19
N MET A 817 -2.24 -2.98 -23.74
CA MET A 817 -1.98 -4.20 -23.00
C MET A 817 -0.90 -3.96 -21.95
N ILE A 818 0.09 -3.12 -22.30
CA ILE A 818 1.24 -2.92 -21.45
C ILE A 818 0.81 -2.18 -20.19
N VAL A 819 -0.10 -1.21 -20.35
CA VAL A 819 -0.61 -0.48 -19.20
C VAL A 819 -1.55 -1.39 -18.42
N LEU A 820 -2.25 -2.28 -19.13
CA LEU A 820 -3.11 -3.27 -18.50
C LEU A 820 -2.28 -4.16 -17.58
N TYR A 821 -1.16 -4.70 -18.10
CA TYR A 821 -0.39 -5.70 -17.38
C TYR A 821 0.62 -5.05 -16.45
N ASP A 822 1.11 -3.86 -16.82
CA ASP A 822 1.99 -3.11 -15.93
C ASP A 822 1.22 -2.72 -14.68
N SER A 823 -0.03 -2.28 -14.84
CA SER A 823 -0.84 -1.90 -13.70
C SER A 823 -1.14 -3.13 -12.83
N LEU A 824 -1.53 -4.23 -13.49
CA LEU A 824 -1.92 -5.45 -12.81
C LEU A 824 -0.73 -6.01 -12.04
N GLN A 825 0.46 -5.95 -12.64
CA GLN A 825 1.62 -6.55 -12.00
C GLN A 825 2.01 -5.72 -10.78
N LEU A 826 1.89 -4.40 -10.92
CA LEU A 826 2.15 -3.46 -9.83
C LEU A 826 1.11 -3.67 -8.74
N ALA A 827 -0.14 -3.88 -9.14
CA ALA A 827 -1.24 -3.96 -8.20
C ALA A 827 -1.03 -5.12 -7.22
N HIS A 828 -0.12 -6.04 -7.56
CA HIS A 828 0.15 -7.22 -6.75
C HIS A 828 1.40 -7.00 -5.92
N LYS A 829 2.20 -6.01 -6.33
CA LYS A 829 3.49 -5.76 -5.72
C LYS A 829 3.30 -5.59 -4.23
N VAL A 830 2.42 -4.66 -3.86
CA VAL A 830 2.29 -4.20 -2.48
C VAL A 830 1.70 -5.30 -1.61
N ILE A 831 0.75 -6.08 -2.16
CA ILE A 831 0.22 -7.22 -1.42
C ILE A 831 1.33 -8.25 -1.25
N LEU A 832 2.16 -8.38 -2.28
CA LEU A 832 3.21 -9.40 -2.27
C LEU A 832 4.20 -9.07 -1.16
N ASN A 833 4.73 -7.84 -1.19
CA ASN A 833 5.71 -7.39 -0.23
C ASN A 833 5.08 -7.32 1.16
N SER A 834 3.76 -7.14 1.22
CA SER A 834 3.07 -7.19 2.50
C SER A 834 3.15 -8.57 3.16
N PHE A 835 3.63 -9.60 2.44
CA PHE A 835 3.94 -10.88 3.09
C PHE A 835 5.19 -10.76 3.94
N TYR A 836 6.08 -9.83 3.58
CA TYR A 836 7.30 -9.58 4.33
C TYR A 836 7.00 -8.64 5.50
N GLY A 837 6.35 -7.51 5.20
CA GLY A 837 5.98 -6.55 6.22
C GLY A 837 5.07 -7.15 7.29
N TYR A 838 4.17 -8.06 6.89
CA TYR A 838 3.12 -8.56 7.76
C TYR A 838 3.67 -9.09 9.09
N VAL A 839 4.85 -9.72 9.05
CA VAL A 839 5.40 -10.40 10.21
C VAL A 839 5.84 -9.37 11.27
N MET A 840 5.46 -8.10 11.06
CA MET A 840 5.75 -7.06 12.03
C MET A 840 4.49 -6.26 12.29
N ARG A 841 3.49 -6.37 11.40
CA ARG A 841 2.20 -5.74 11.60
C ARG A 841 1.75 -5.96 13.04
N LYS A 842 0.93 -5.04 13.55
CA LYS A 842 0.38 -5.19 14.89
C LYS A 842 -0.85 -6.08 14.80
N GLY A 843 -1.11 -6.86 15.86
CA GLY A 843 -2.18 -7.83 15.84
C GLY A 843 -1.94 -8.83 14.71
N SER A 844 -0.66 -9.11 14.44
CA SER A 844 -0.24 -10.11 13.48
C SER A 844 -0.28 -11.49 14.12
N ARG A 845 -0.75 -12.46 13.33
CA ARG A 845 -0.85 -13.84 13.76
C ARG A 845 0.49 -14.55 13.59
N TRP A 846 1.40 -14.00 12.77
CA TRP A 846 2.67 -14.69 12.55
C TRP A 846 3.86 -13.74 12.67
N TYR A 847 4.06 -13.23 13.88
CA TYR A 847 5.00 -12.15 14.12
C TYR A 847 6.41 -12.70 14.27
N SER A 848 7.35 -12.12 13.53
CA SER A 848 8.77 -12.38 13.75
C SER A 848 9.59 -11.16 13.38
N MET A 849 10.24 -10.57 14.40
CA MET A 849 11.21 -9.49 14.17
C MET A 849 12.46 -10.09 13.54
N GLU A 850 12.83 -11.27 14.05
CA GLU A 850 13.94 -12.07 13.57
C GLU A 850 13.86 -12.22 12.05
N MET A 851 12.70 -12.66 11.54
CA MET A 851 12.58 -12.98 10.12
C MET A 851 12.74 -11.72 9.27
N ALA A 852 11.95 -10.69 9.59
CA ALA A 852 12.05 -9.43 8.90
C ALA A 852 13.49 -8.91 8.96
N GLY A 853 14.09 -9.03 10.16
CA GLY A 853 15.50 -8.74 10.34
C GLY A 853 16.38 -9.42 9.28
N ILE A 854 16.33 -10.76 9.27
CA ILE A 854 17.20 -11.59 8.45
C ILE A 854 17.01 -11.25 6.98
N THR A 855 15.76 -11.02 6.59
CA THR A 855 15.45 -10.79 5.18
C THR A 855 16.14 -9.52 4.70
N CYS A 856 16.07 -8.47 5.53
CA CYS A 856 16.62 -7.17 5.19
C CYS A 856 18.13 -7.26 5.02
N LEU A 857 18.81 -7.77 6.05
CA LEU A 857 20.26 -7.78 6.10
C LEU A 857 20.80 -8.58 4.91
N THR A 858 20.13 -9.69 4.59
CA THR A 858 20.49 -10.51 3.45
C THR A 858 20.41 -9.66 2.18
N GLY A 859 19.39 -8.79 2.12
CA GLY A 859 19.20 -7.91 0.98
C GLY A 859 20.38 -6.94 0.83
N ALA A 860 20.81 -6.38 1.98
CA ALA A 860 21.93 -5.46 2.01
C ALA A 860 23.19 -6.16 1.47
N THR A 861 23.51 -7.31 2.09
CA THR A 861 24.65 -8.14 1.74
C THR A 861 24.68 -8.39 0.23
N ILE A 862 23.51 -8.72 -0.33
CA ILE A 862 23.45 -9.12 -1.73
C ILE A 862 23.75 -7.93 -2.61
N ILE A 863 23.24 -6.75 -2.24
CA ILE A 863 23.39 -5.57 -3.09
C ILE A 863 24.79 -4.96 -2.94
N GLN A 864 25.30 -4.95 -1.70
CA GLN A 864 26.63 -4.43 -1.42
C GLN A 864 27.67 -5.19 -2.24
N MET A 865 27.71 -6.52 -2.08
CA MET A 865 28.59 -7.41 -2.83
C MET A 865 28.50 -7.13 -4.33
N ALA A 866 27.29 -6.83 -4.82
CA ALA A 866 27.12 -6.55 -6.23
C ALA A 866 27.71 -5.18 -6.58
N ARG A 867 27.66 -4.22 -5.64
CA ARG A 867 28.31 -2.94 -5.86
C ARG A 867 29.82 -3.15 -5.89
N ALA A 868 30.35 -3.83 -4.87
CA ALA A 868 31.76 -4.15 -4.75
C ALA A 868 32.35 -4.47 -6.12
N LEU A 869 31.63 -5.30 -6.89
CA LEU A 869 32.08 -5.72 -8.21
C LEU A 869 31.94 -4.58 -9.22
N VAL A 870 30.81 -3.86 -9.19
CA VAL A 870 30.54 -2.88 -10.23
C VAL A 870 31.49 -1.69 -10.13
N GLU A 871 31.71 -1.18 -8.91
CA GLU A 871 32.61 -0.06 -8.68
C GLU A 871 34.00 -0.40 -9.18
N ARG A 872 34.33 -1.70 -9.16
CA ARG A 872 35.63 -2.19 -9.59
C ARG A 872 35.69 -2.29 -11.11
N VAL A 873 34.56 -2.07 -11.79
CA VAL A 873 34.47 -2.37 -13.21
C VAL A 873 33.66 -1.29 -13.92
N GLY A 874 33.22 -0.31 -13.14
CA GLY A 874 32.59 0.91 -13.63
C GLY A 874 32.33 1.88 -12.50
N ARG A 875 31.53 2.92 -12.78
CA ARG A 875 31.12 3.87 -11.75
C ARG A 875 29.63 3.71 -11.48
N PRO A 876 29.26 3.08 -10.34
CA PRO A 876 27.89 3.10 -9.82
C PRO A 876 27.50 4.48 -9.30
N LEU A 877 26.46 5.06 -9.94
CA LEU A 877 25.93 6.35 -9.56
C LEU A 877 25.19 6.28 -8.22
N GLU A 878 24.13 5.46 -8.15
CA GLU A 878 23.23 5.42 -6.99
C GLU A 878 22.75 3.99 -6.76
N LEU A 879 22.25 3.74 -5.53
CA LEU A 879 21.98 2.38 -5.08
C LEU A 879 20.92 2.42 -3.98
N ASP A 880 19.84 1.64 -4.16
CA ASP A 880 18.80 1.51 -3.17
C ASP A 880 18.31 0.06 -3.06
N THR A 881 18.66 -0.56 -1.92
CA THR A 881 18.11 -1.80 -1.40
C THR A 881 18.48 -2.99 -2.26
N ASP A 882 17.92 -3.01 -3.47
CA ASP A 882 17.90 -4.16 -4.37
C ASP A 882 18.35 -3.69 -5.75
N GLY A 883 18.35 -2.38 -5.95
CA GLY A 883 18.67 -1.81 -7.25
C GLY A 883 19.87 -0.87 -7.19
N ILE A 884 20.55 -0.72 -8.33
CA ILE A 884 21.72 0.13 -8.47
C ILE A 884 21.70 0.76 -9.85
N TRP A 885 22.08 2.03 -9.90
CA TRP A 885 22.29 2.77 -11.13
C TRP A 885 23.79 2.91 -11.36
N CYS A 886 24.21 2.71 -12.61
CA CYS A 886 25.62 2.82 -12.93
C CYS A 886 25.79 3.18 -14.41
N ILE A 887 26.80 4.00 -14.68
CA ILE A 887 27.36 4.14 -16.01
C ILE A 887 28.50 3.14 -16.13
N LEU A 888 28.53 2.42 -17.25
CA LEU A 888 29.65 1.54 -17.55
C LEU A 888 30.28 1.98 -18.88
N PRO A 889 31.53 1.56 -19.20
CA PRO A 889 32.20 1.98 -20.42
C PRO A 889 31.39 1.64 -21.68
N LYS A 890 31.45 2.52 -22.69
CA LYS A 890 30.61 2.36 -23.87
C LYS A 890 31.12 1.23 -24.76
N SER A 891 32.29 0.69 -24.42
CA SER A 891 32.86 -0.42 -25.17
C SER A 891 32.92 -1.67 -24.30
N PHE A 892 31.91 -1.81 -23.43
CA PHE A 892 31.82 -2.94 -22.52
C PHE A 892 31.02 -4.05 -23.20
N PRO A 893 31.21 -5.33 -22.78
CA PRO A 893 30.39 -6.44 -23.29
C PRO A 893 28.92 -6.22 -22.94
N GLU A 894 28.13 -5.80 -23.94
CA GLU A 894 26.74 -5.45 -23.72
C GLU A 894 25.86 -6.71 -23.66
N THR A 895 24.86 -6.73 -24.54
CA THR A 895 23.84 -7.77 -24.58
C THR A 895 24.07 -8.62 -25.84
N TYR A 896 23.99 -9.94 -25.69
CA TYR A 896 24.13 -10.85 -26.82
C TYR A 896 22.89 -11.76 -26.91
N PHE A 897 22.83 -12.52 -28.01
CA PHE A 897 21.73 -13.43 -28.30
C PHE A 897 22.27 -14.82 -28.61
N PHE A 898 22.67 -15.58 -27.59
CA PHE A 898 23.02 -16.98 -27.78
C PHE A 898 21.92 -17.62 -28.62
N THR A 899 22.28 -18.23 -29.75
CA THR A 899 21.28 -18.72 -30.69
C THR A 899 21.07 -20.22 -30.53
N LEU A 900 19.79 -20.63 -30.62
CA LEU A 900 19.35 -22.00 -30.46
C LEU A 900 18.98 -22.58 -31.84
N GLU A 901 19.23 -23.89 -31.99
CA GLU A 901 19.06 -24.63 -33.23
C GLU A 901 17.59 -24.65 -33.65
N ASN A 902 16.69 -24.70 -32.65
CA ASN A 902 15.27 -24.94 -32.87
C ASN A 902 14.58 -23.69 -33.43
N GLY A 903 15.37 -22.74 -33.96
CA GLY A 903 14.84 -21.58 -34.64
C GLY A 903 15.11 -20.28 -33.91
N LYS A 904 14.64 -20.20 -32.65
CA LYS A 904 14.62 -18.96 -31.89
C LYS A 904 15.94 -18.77 -31.13
N LYS A 905 16.17 -17.53 -30.67
CA LYS A 905 17.38 -17.16 -29.97
C LYS A 905 17.01 -16.59 -28.58
N LEU A 906 17.86 -16.90 -27.59
CA LEU A 906 17.70 -16.43 -26.23
C LEU A 906 18.30 -15.03 -26.10
N TYR A 907 18.30 -14.49 -24.87
CA TYR A 907 18.78 -13.14 -24.58
C TYR A 907 19.81 -13.21 -23.45
N LEU A 908 20.98 -12.59 -23.67
CA LEU A 908 22.06 -12.63 -22.72
C LEU A 908 22.64 -11.23 -22.55
N SER A 909 22.54 -10.70 -21.32
CA SER A 909 23.13 -9.42 -20.95
C SER A 909 24.26 -9.66 -19.96
N TYR A 910 25.51 -9.55 -20.44
CA TYR A 910 26.65 -10.04 -19.67
C TYR A 910 26.70 -9.40 -18.28
N PRO A 911 26.46 -8.06 -18.12
CA PRO A 911 26.53 -7.43 -16.81
C PRO A 911 25.61 -8.08 -15.78
N CYS A 912 24.36 -8.34 -16.19
CA CYS A 912 23.35 -8.97 -15.36
C CYS A 912 23.78 -10.37 -14.96
N SER A 913 24.05 -11.20 -15.99
CA SER A 913 24.36 -12.60 -15.81
C SER A 913 25.66 -12.77 -15.01
N MET A 914 26.55 -11.77 -15.15
CA MET A 914 27.78 -11.59 -14.39
C MET A 914 27.50 -11.58 -12.90
N LEU A 915 26.53 -10.74 -12.49
CA LEU A 915 26.19 -10.63 -11.07
C LEU A 915 25.48 -11.90 -10.64
N ASN A 916 24.60 -12.41 -11.50
CA ASN A 916 23.73 -13.50 -11.12
C ASN A 916 24.54 -14.69 -10.60
N TYR A 917 25.54 -15.14 -11.38
CA TYR A 917 26.34 -16.29 -11.00
C TYR A 917 26.93 -16.08 -9.60
N ARG A 918 27.34 -14.84 -9.30
CA ARG A 918 28.03 -14.56 -8.05
C ARG A 918 27.03 -14.61 -6.90
N VAL A 919 25.80 -14.18 -7.18
CA VAL A 919 24.68 -14.33 -6.25
C VAL A 919 24.53 -15.83 -5.97
N HIS A 920 24.40 -16.60 -7.06
CA HIS A 920 24.14 -18.03 -6.97
C HIS A 920 25.33 -18.77 -6.37
N GLN A 921 26.53 -18.22 -6.52
CA GLN A 921 27.70 -18.88 -5.99
C GLN A 921 28.05 -18.32 -4.60
N LYS A 922 27.10 -17.63 -3.95
CA LYS A 922 27.44 -17.04 -2.66
C LYS A 922 26.25 -16.99 -1.70
N PHE A 923 25.01 -16.98 -2.22
CA PHE A 923 23.84 -16.87 -1.36
C PHE A 923 22.80 -17.95 -1.67
N THR A 924 23.25 -19.12 -2.12
CA THR A 924 22.35 -20.19 -2.51
C THR A 924 22.07 -21.10 -1.32
N ASN A 925 20.78 -21.37 -1.09
CA ASN A 925 20.38 -22.27 -0.01
C ASN A 925 20.62 -23.70 -0.42
N HIS A 926 21.67 -24.30 0.15
CA HIS A 926 22.02 -25.69 -0.11
C HIS A 926 21.41 -26.57 0.99
N GLN A 927 20.65 -25.95 1.90
CA GLN A 927 20.12 -26.65 3.06
C GLN A 927 18.62 -26.91 2.88
N TYR A 928 18.07 -26.57 1.70
CA TYR A 928 16.62 -26.59 1.54
C TYR A 928 16.07 -28.02 1.58
N GLN A 929 15.56 -28.43 2.75
CA GLN A 929 14.86 -29.70 2.95
C GLN A 929 13.38 -29.55 2.64
N GLU A 930 12.82 -30.56 1.95
CA GLU A 930 11.41 -30.64 1.62
C GLU A 930 10.94 -32.07 1.85
N LEU A 931 9.65 -32.25 2.18
CA LEU A 931 9.14 -33.53 2.65
C LEU A 931 8.76 -34.44 1.47
N LYS A 932 9.49 -35.55 1.35
CA LYS A 932 9.34 -36.50 0.26
C LYS A 932 8.22 -37.51 0.58
N ASP A 933 8.32 -38.17 1.73
CA ASP A 933 7.40 -39.25 2.08
C ASP A 933 6.67 -38.90 3.37
N PRO A 934 5.45 -38.31 3.26
CA PRO A 934 4.62 -38.00 4.43
C PRO A 934 4.62 -39.08 5.51
N LEU A 935 4.18 -40.29 5.16
CA LEU A 935 3.94 -41.37 6.10
C LEU A 935 5.20 -41.71 6.91
N ASN A 936 6.37 -41.58 6.28
CA ASN A 936 7.60 -42.07 6.88
C ASN A 936 8.52 -40.91 7.31
N TYR A 937 8.09 -39.67 7.08
CA TYR A 937 8.82 -38.49 7.51
C TYR A 937 10.23 -38.47 6.89
N ILE A 938 10.27 -38.56 5.56
CA ILE A 938 11.52 -38.52 4.83
C ILE A 938 11.65 -37.17 4.13
N TYR A 939 12.65 -36.39 4.56
CA TYR A 939 12.98 -35.11 3.93
C TYR A 939 14.12 -35.30 2.94
N GLU A 940 14.04 -34.56 1.82
CA GLU A 940 15.10 -34.56 0.83
C GLU A 940 15.65 -33.15 0.65
N THR A 941 16.91 -32.96 1.10
CA THR A 941 17.69 -31.75 0.93
C THR A 941 17.91 -31.47 -0.57
N HIS A 942 18.04 -30.17 -0.90
CA HIS A 942 18.28 -29.70 -2.26
C HIS A 942 18.63 -28.22 -2.26
N SER A 943 19.01 -27.69 -3.43
CA SER A 943 19.62 -26.37 -3.55
C SER A 943 18.64 -25.36 -4.17
N GLU A 944 18.40 -24.26 -3.45
CA GLU A 944 17.31 -23.33 -3.79
C GLU A 944 17.82 -21.89 -3.77
N ASN A 945 17.59 -21.18 -4.88
CA ASN A 945 17.95 -19.78 -5.00
C ASN A 945 17.18 -19.17 -6.18
N THR A 946 16.27 -18.24 -5.88
CA THR A 946 15.42 -17.61 -6.87
C THR A 946 15.74 -16.12 -6.99
N ILE A 947 17.00 -15.75 -6.70
CA ILE A 947 17.38 -14.35 -6.68
C ILE A 947 18.10 -14.02 -8.00
N PHE A 948 17.54 -13.07 -8.76
CA PHE A 948 18.07 -12.68 -10.06
C PHE A 948 18.02 -11.17 -10.19
N PHE A 949 19.07 -10.60 -10.81
CA PHE A 949 19.10 -9.20 -11.19
C PHE A 949 18.42 -9.08 -12.56
N GLU A 950 17.89 -7.88 -12.87
CA GLU A 950 17.25 -7.59 -14.15
C GLU A 950 17.70 -6.22 -14.65
N VAL A 951 18.04 -6.13 -15.94
CA VAL A 951 18.58 -4.90 -16.50
C VAL A 951 17.46 -4.06 -17.12
N ASP A 952 17.64 -2.73 -17.07
CA ASP A 952 16.63 -1.76 -17.44
C ASP A 952 16.85 -1.27 -18.87
N GLY A 953 17.85 -1.83 -19.56
CA GLY A 953 18.26 -1.34 -20.87
C GLY A 953 19.05 -0.05 -20.73
N PRO A 954 19.83 0.37 -21.77
CA PRO A 954 20.71 1.54 -21.66
C PRO A 954 19.99 2.86 -21.93
N TYR A 955 20.16 3.81 -21.00
CA TYR A 955 19.39 5.04 -21.01
C TYR A 955 20.20 6.18 -21.63
N LYS A 956 19.50 7.24 -22.07
CA LYS A 956 20.13 8.40 -22.68
C LYS A 956 20.86 9.25 -21.64
N ALA A 957 20.20 9.55 -20.51
CA ALA A 957 20.71 10.50 -19.54
C ALA A 957 20.41 10.06 -18.11
N MET A 958 20.97 10.78 -17.13
CA MET A 958 20.60 10.60 -15.73
C MET A 958 21.17 11.74 -14.88
N ILE A 959 20.31 12.42 -14.13
CA ILE A 959 20.69 13.55 -13.29
C ILE A 959 20.48 13.17 -11.83
N LEU A 960 21.54 13.31 -11.02
CA LEU A 960 21.41 13.08 -9.59
C LEU A 960 21.80 14.37 -8.86
N PRO A 961 20.98 14.84 -7.88
CA PRO A 961 21.28 16.07 -7.15
C PRO A 961 22.44 15.80 -6.21
N SER A 962 23.12 16.87 -5.79
CA SER A 962 24.09 16.78 -4.71
C SER A 962 23.60 17.63 -3.56
N SER A 963 23.96 17.25 -2.34
CA SER A 963 23.53 17.97 -1.16
C SER A 963 24.22 19.33 -1.09
N LYS A 964 23.80 20.12 -0.11
CA LYS A 964 24.44 21.36 0.26
C LYS A 964 25.45 21.12 1.38
N GLU A 965 25.13 20.18 2.31
CA GLU A 965 26.11 19.73 3.29
C GLU A 965 27.33 19.20 2.54
N GLU A 966 28.49 19.15 3.20
CA GLU A 966 29.72 18.84 2.50
C GLU A 966 29.95 17.33 2.43
N GLY A 967 30.17 16.84 1.21
CA GLY A 967 30.44 15.43 0.95
C GLY A 967 29.14 14.65 0.78
N LYS A 968 28.27 14.73 1.81
CA LYS A 968 26.94 14.14 1.82
C LYS A 968 26.27 14.36 0.46
N GLY A 969 25.73 13.28 -0.10
CA GLY A 969 24.95 13.34 -1.32
C GLY A 969 23.46 13.43 -1.02
N ILE A 970 22.63 13.33 -2.06
CA ILE A 970 21.19 13.20 -1.92
C ILE A 970 20.75 11.87 -2.51
N LYS A 971 20.21 11.00 -1.63
CA LYS A 971 19.71 9.68 -2.01
C LYS A 971 18.25 9.80 -2.45
N LYS A 972 17.82 8.87 -3.31
CA LYS A 972 16.41 8.61 -3.57
C LYS A 972 15.78 9.74 -4.38
N ARG A 973 16.61 10.53 -5.06
CA ARG A 973 16.13 11.53 -6.02
C ARG A 973 17.00 11.48 -7.28
N TYR A 974 16.35 11.63 -8.42
CA TYR A 974 17.03 11.58 -9.71
C TYR A 974 16.03 11.55 -10.85
N ALA A 975 16.52 11.88 -12.05
CA ALA A 975 15.75 11.88 -13.27
C ALA A 975 16.52 11.08 -14.31
N VAL A 976 15.79 10.34 -15.17
CA VAL A 976 16.38 9.45 -16.16
C VAL A 976 15.60 9.59 -17.46
N PHE A 977 16.27 9.35 -18.60
CA PHE A 977 15.72 9.61 -19.92
C PHE A 977 16.11 8.48 -20.88
N ASN A 978 15.15 8.15 -21.76
CA ASN A 978 15.27 7.08 -22.73
C ASN A 978 15.99 7.61 -23.96
N GLU A 979 16.64 6.70 -24.70
CA GLU A 979 17.23 7.01 -26.00
C GLU A 979 16.15 7.63 -26.87
N ASP A 980 14.91 7.19 -26.63
CA ASP A 980 13.68 7.75 -27.18
C ASP A 980 13.69 9.26 -26.98
N GLY A 981 14.20 9.70 -25.82
CA GLY A 981 14.23 11.11 -25.47
C GLY A 981 13.22 11.43 -24.37
N SER A 982 12.18 10.60 -24.29
CA SER A 982 11.13 10.73 -23.29
C SER A 982 11.72 10.54 -21.90
N LEU A 983 11.04 11.10 -20.90
CA LEU A 983 11.44 10.98 -19.50
C LEU A 983 11.19 9.55 -19.05
N ALA A 984 12.26 8.83 -18.69
CA ALA A 984 12.16 7.44 -18.26
C ALA A 984 11.64 7.37 -16.83
N GLU A 985 12.43 7.80 -15.85
CA GLU A 985 11.99 7.76 -14.47
C GLU A 985 12.33 9.06 -13.73
N LEU A 986 11.47 9.42 -12.79
CA LEU A 986 11.67 10.58 -11.94
C LEU A 986 11.30 10.21 -10.51
N LYS A 987 12.15 10.56 -9.54
CA LYS A 987 12.04 9.97 -8.22
C LYS A 987 12.25 11.02 -7.13
N GLY A 988 11.34 11.00 -6.15
CA GLY A 988 11.54 11.72 -4.90
C GLY A 988 11.15 13.19 -5.01
N PHE A 989 11.44 13.79 -6.15
CA PHE A 989 11.42 15.24 -6.32
C PHE A 989 10.06 15.85 -5.99
N GLU A 990 10.12 17.14 -5.63
CA GLU A 990 8.98 17.93 -5.21
C GLU A 990 7.92 17.96 -6.30
N LEU A 991 8.33 17.77 -7.56
CA LEU A 991 7.40 17.77 -8.68
C LEU A 991 6.40 16.63 -8.50
N LYS A 992 6.88 15.52 -7.94
CA LYS A 992 6.08 14.30 -7.85
C LYS A 992 5.21 14.34 -6.60
N ARG A 993 5.82 14.82 -5.51
CA ARG A 993 5.22 14.84 -4.18
C ARG A 993 3.98 15.71 -4.18
N ARG A 994 3.06 15.40 -3.26
CA ARG A 994 1.90 16.23 -3.00
C ARG A 994 2.34 17.44 -2.19
N GLY A 995 1.63 18.56 -2.38
CA GLY A 995 2.06 19.84 -1.85
C GLY A 995 3.39 20.28 -2.47
N GLU A 996 4.31 20.71 -1.60
CA GLU A 996 5.55 21.37 -2.01
C GLU A 996 5.21 22.73 -2.62
N LEU A 997 6.26 23.52 -2.90
CA LEU A 997 6.12 24.88 -3.40
C LEU A 997 5.92 24.82 -4.91
N GLN A 998 4.73 25.22 -5.38
CA GLN A 998 4.36 25.03 -6.79
C GLN A 998 5.39 25.69 -7.71
N LEU A 999 6.18 26.61 -7.16
CA LEU A 999 7.26 27.24 -7.91
C LEU A 999 8.31 26.19 -8.27
N ILE A 1000 8.84 25.50 -7.24
CA ILE A 1000 9.89 24.51 -7.41
C ILE A 1000 9.44 23.43 -8.39
N LYS A 1001 8.17 23.05 -8.27
CA LYS A 1001 7.57 22.01 -9.10
C LYS A 1001 7.64 22.39 -10.57
N ASN A 1002 7.12 23.57 -10.92
CA ASN A 1002 7.10 23.99 -12.32
C ASN A 1002 8.53 24.25 -12.79
N PHE A 1003 9.38 24.74 -11.87
CA PHE A 1003 10.79 24.86 -12.17
C PHE A 1003 11.33 23.51 -12.59
N GLN A 1004 11.14 22.51 -11.72
CA GLN A 1004 11.60 21.15 -11.92
C GLN A 1004 11.03 20.59 -13.23
N SER A 1005 9.74 20.83 -13.47
CA SER A 1005 9.11 20.43 -14.71
C SER A 1005 9.91 20.98 -15.89
N ASP A 1006 10.12 22.30 -15.87
CA ASP A 1006 10.83 23.04 -16.90
C ASP A 1006 12.28 22.55 -17.02
N ILE A 1007 12.92 22.24 -15.89
CA ILE A 1007 14.37 22.13 -15.91
C ILE A 1007 14.85 20.79 -16.47
N PHE A 1008 14.27 19.66 -16.00
CA PHE A 1008 14.88 18.36 -16.20
C PHE A 1008 15.10 18.07 -17.69
N LYS A 1009 14.06 18.28 -18.49
CA LYS A 1009 14.10 18.15 -19.94
C LYS A 1009 15.37 18.80 -20.49
N VAL A 1010 15.72 19.99 -19.99
CA VAL A 1010 16.68 20.86 -20.63
C VAL A 1010 18.12 20.37 -20.41
N PHE A 1011 18.28 19.28 -19.63
CA PHE A 1011 19.57 18.66 -19.45
C PHE A 1011 19.96 17.88 -20.70
N LEU A 1012 19.08 17.94 -21.72
CA LEU A 1012 19.25 17.18 -22.95
C LEU A 1012 19.81 18.09 -24.03
N GLU A 1013 19.58 19.39 -23.90
CA GLU A 1013 20.11 20.43 -24.76
C GLU A 1013 21.59 20.64 -24.44
N GLY A 1014 22.36 21.11 -25.42
CA GLY A 1014 23.78 21.36 -25.23
C GLY A 1014 24.66 20.28 -25.85
N ASP A 1015 25.85 20.67 -26.30
CA ASP A 1015 26.71 19.84 -27.14
C ASP A 1015 27.72 19.10 -26.27
N THR A 1016 28.13 19.73 -25.16
CA THR A 1016 29.14 19.16 -24.28
C THR A 1016 28.74 19.38 -22.82
N LEU A 1017 29.36 18.62 -21.90
CA LEU A 1017 29.01 18.69 -20.50
C LEU A 1017 29.00 20.14 -20.03
N GLU A 1018 30.09 20.84 -20.33
CA GLU A 1018 30.23 22.26 -20.03
C GLU A 1018 29.05 23.03 -20.63
N GLY A 1019 28.81 22.81 -21.92
CA GLY A 1019 27.79 23.53 -22.67
C GLY A 1019 26.38 23.08 -22.35
N CYS A 1020 26.26 21.89 -21.74
CA CYS A 1020 24.98 21.34 -21.32
C CYS A 1020 24.40 22.22 -20.20
N TYR A 1021 25.13 22.28 -19.08
CA TYR A 1021 24.75 23.06 -17.91
C TYR A 1021 24.43 24.50 -18.28
N SER A 1022 24.80 24.91 -19.51
CA SER A 1022 24.50 26.24 -20.01
C SER A 1022 23.00 26.37 -20.26
N ALA A 1023 22.48 25.55 -21.18
CA ALA A 1023 21.07 25.61 -21.56
C ALA A 1023 20.20 25.43 -20.33
N VAL A 1024 20.69 24.63 -19.38
CA VAL A 1024 20.07 24.45 -18.07
C VAL A 1024 20.06 25.81 -17.36
N ALA A 1025 21.26 26.39 -17.26
CA ALA A 1025 21.50 27.62 -16.50
C ALA A 1025 20.60 28.76 -16.99
N SER A 1026 20.29 28.78 -18.30
CA SER A 1026 19.39 29.78 -18.85
C SER A 1026 18.07 29.77 -18.09
N VAL A 1027 17.44 28.59 -18.03
CA VAL A 1027 16.14 28.41 -17.42
C VAL A 1027 16.21 28.90 -15.97
N CYS A 1028 17.34 28.61 -15.32
CA CYS A 1028 17.50 29.03 -13.94
C CYS A 1028 17.32 30.54 -13.86
N ASN A 1029 18.12 31.25 -14.67
CA ASN A 1029 18.11 32.70 -14.71
C ASN A 1029 16.72 33.20 -15.11
N ARG A 1030 16.07 32.51 -16.06
CA ARG A 1030 14.71 32.84 -16.46
C ARG A 1030 13.83 32.89 -15.21
N TRP A 1031 13.85 31.78 -14.45
CA TRP A 1031 13.04 31.62 -13.25
C TRP A 1031 13.49 32.57 -12.14
N LEU A 1032 14.77 32.98 -12.18
CA LEU A 1032 15.30 33.97 -11.26
C LEU A 1032 14.72 35.34 -11.58
N ASP A 1033 14.63 35.65 -12.89
CA ASP A 1033 14.20 36.95 -13.37
C ASP A 1033 12.70 37.14 -13.13
N VAL A 1034 12.08 36.14 -12.50
CA VAL A 1034 10.67 36.21 -12.17
C VAL A 1034 10.52 36.55 -10.70
N LEU A 1035 11.56 36.21 -9.91
CA LEU A 1035 11.56 36.44 -8.48
C LEU A 1035 12.22 37.78 -8.18
N ASP A 1036 13.41 37.98 -8.76
CA ASP A 1036 14.15 39.23 -8.68
C ASP A 1036 13.26 40.37 -9.19
N SER A 1037 12.42 40.06 -10.18
CA SER A 1037 11.47 41.02 -10.73
C SER A 1037 10.22 41.09 -9.86
N HIS A 1038 10.31 40.60 -8.62
CA HIS A 1038 9.21 40.62 -7.68
C HIS A 1038 7.88 40.28 -8.36
N GLY A 1039 7.93 39.27 -9.24
CA GLY A 1039 6.76 38.72 -9.89
C GLY A 1039 5.95 39.78 -10.63
N LEU A 1040 6.64 40.79 -11.15
CA LEU A 1040 6.01 41.79 -11.98
C LEU A 1040 6.04 41.32 -13.44
N MET A 1041 6.85 40.28 -13.69
CA MET A 1041 6.92 39.68 -15.00
C MET A 1041 5.73 38.76 -15.21
N LEU A 1042 4.94 38.55 -14.15
CA LEU A 1042 3.92 37.50 -14.17
C LEU A 1042 2.53 38.07 -13.89
N GLU A 1043 1.55 37.60 -14.67
CA GLU A 1043 0.17 38.07 -14.57
C GLU A 1043 -0.39 37.75 -13.20
N ASP A 1044 -1.28 38.63 -12.72
CA ASP A 1044 -1.79 38.61 -11.36
C ASP A 1044 -2.49 37.28 -11.09
N GLU A 1045 -3.46 36.92 -11.94
CA GLU A 1045 -4.24 35.70 -11.83
C GLU A 1045 -3.32 34.49 -11.89
N ASP A 1046 -2.39 34.51 -12.85
CA ASP A 1046 -1.46 33.41 -13.09
C ASP A 1046 -0.56 33.20 -11.87
N LEU A 1047 0.16 34.25 -11.48
CA LEU A 1047 1.24 34.17 -10.49
C LEU A 1047 0.78 33.42 -9.24
N VAL A 1048 -0.37 33.82 -8.68
CA VAL A 1048 -0.82 33.39 -7.37
C VAL A 1048 -0.54 31.90 -7.18
N SER A 1049 -0.97 31.08 -8.14
CA SER A 1049 -0.87 29.64 -8.07
C SER A 1049 0.60 29.23 -7.92
N LEU A 1050 1.44 29.78 -8.81
CA LEU A 1050 2.85 29.47 -8.93
C LEU A 1050 3.59 29.76 -7.61
N ILE A 1051 2.99 30.60 -6.77
CA ILE A 1051 3.72 31.05 -5.59
C ILE A 1051 3.26 30.29 -4.34
N CYS A 1052 2.04 29.72 -4.43
CA CYS A 1052 1.41 29.00 -3.33
C CYS A 1052 2.22 27.76 -2.96
N GLU A 1053 2.02 27.28 -1.72
CA GLU A 1053 2.53 26.01 -1.24
C GLU A 1053 1.41 25.26 -0.52
N ASN A 1054 1.06 24.09 -1.06
CA ASN A 1054 -0.08 23.34 -0.57
C ASN A 1054 0.40 22.20 0.33
N ARG A 1055 -0.10 22.15 1.57
CA ARG A 1055 0.25 21.10 2.50
C ARG A 1055 -1.01 20.50 3.08
N SER A 1056 -0.94 19.22 3.48
CA SER A 1056 -2.03 18.53 4.15
C SER A 1056 -1.70 18.36 5.63
N MET A 1057 -2.72 18.54 6.47
CA MET A 1057 -2.69 18.04 7.84
C MET A 1057 -3.41 16.71 7.86
N SER A 1058 -2.79 15.69 8.48
CA SER A 1058 -3.35 14.35 8.45
C SER A 1058 -4.32 14.15 9.61
N LYS A 1059 -4.23 15.05 10.60
CA LYS A 1059 -5.15 15.05 11.73
C LYS A 1059 -5.86 16.40 11.75
N THR A 1060 -6.99 16.46 12.47
CA THR A 1060 -7.65 17.73 12.74
C THR A 1060 -6.68 18.65 13.47
N LEU A 1061 -7.00 19.94 13.49
CA LEU A 1061 -6.10 20.95 14.02
C LEU A 1061 -5.95 20.77 15.53
N LYS A 1062 -6.98 20.23 16.18
CA LYS A 1062 -7.00 20.09 17.63
C LYS A 1062 -5.82 19.26 18.11
N GLU A 1063 -5.34 18.35 17.27
CA GLU A 1063 -4.43 17.31 17.70
C GLU A 1063 -2.97 17.70 17.45
N TYR A 1064 -2.73 19.01 17.27
CA TYR A 1064 -1.38 19.49 17.04
C TYR A 1064 -0.93 20.37 18.21
N GLU A 1065 -1.55 20.15 19.37
CA GLU A 1065 -1.40 20.99 20.55
C GLU A 1065 0.09 21.18 20.88
N GLY A 1066 0.61 22.37 20.58
CA GLY A 1066 1.93 22.79 21.03
C GLY A 1066 3.03 22.46 20.03
N GLN A 1067 2.69 22.58 18.73
CA GLN A 1067 3.65 22.43 17.66
C GLN A 1067 3.57 23.66 16.76
N LYS A 1068 4.65 23.89 15.99
CA LYS A 1068 4.78 25.08 15.17
C LYS A 1068 5.10 24.67 13.73
N SER A 1069 4.19 24.98 12.79
CA SER A 1069 4.40 24.69 11.39
C SER A 1069 3.55 25.61 10.51
N THR A 1070 3.98 25.82 9.27
CA THR A 1070 3.24 26.64 8.32
C THR A 1070 1.85 26.09 8.11
N SER A 1071 1.75 24.76 7.99
CA SER A 1071 0.46 24.08 7.91
C SER A 1071 -0.39 24.41 9.13
N ILE A 1072 0.26 24.39 10.31
CA ILE A 1072 -0.42 24.51 11.60
C ILE A 1072 -1.06 25.88 11.74
N THR A 1073 -0.28 26.94 11.49
CA THR A 1073 -0.74 28.31 11.66
C THR A 1073 -1.67 28.73 10.53
N THR A 1074 -1.40 28.25 9.31
CA THR A 1074 -2.31 28.45 8.19
C THR A 1074 -3.70 27.96 8.60
N ALA A 1075 -3.74 26.82 9.30
CA ALA A 1075 -4.98 26.20 9.71
C ALA A 1075 -5.70 27.12 10.71
N ARG A 1076 -4.96 27.57 11.74
CA ARG A 1076 -5.50 28.48 12.75
C ARG A 1076 -6.03 29.74 12.09
N ARG A 1077 -5.29 30.24 11.08
CA ARG A 1077 -5.62 31.45 10.37
C ARG A 1077 -6.91 31.26 9.57
N LEU A 1078 -6.94 30.22 8.72
CA LEU A 1078 -8.16 29.85 8.02
C LEU A 1078 -9.28 29.82 9.04
N GLY A 1079 -8.99 29.24 10.21
CA GLY A 1079 -9.93 29.03 11.30
C GLY A 1079 -10.63 30.33 11.73
N ASP A 1080 -9.82 31.36 12.02
CA ASP A 1080 -10.34 32.63 12.49
C ASP A 1080 -11.09 33.33 11.37
N PHE A 1081 -10.54 33.22 10.16
CA PHE A 1081 -10.98 33.99 9.01
C PHE A 1081 -12.29 33.42 8.46
N LEU A 1082 -12.28 32.13 8.10
CA LEU A 1082 -13.39 31.51 7.40
C LEU A 1082 -14.32 30.77 8.36
N GLY A 1083 -13.82 30.42 9.56
CA GLY A 1083 -14.73 29.96 10.60
C GLY A 1083 -14.30 28.64 11.25
N GLU A 1084 -15.04 28.28 12.30
CA GLU A 1084 -14.78 27.11 13.12
C GLU A 1084 -14.87 25.85 12.28
N ASP A 1085 -15.93 25.74 11.47
CA ASP A 1085 -16.21 24.55 10.68
C ASP A 1085 -15.02 24.22 9.79
N MET A 1086 -14.18 25.23 9.52
CA MET A 1086 -13.14 25.11 8.51
C MET A 1086 -12.15 24.00 8.85
N VAL A 1087 -12.01 23.69 10.15
CA VAL A 1087 -11.15 22.59 10.55
C VAL A 1087 -11.99 21.50 11.22
N LYS A 1088 -13.16 21.22 10.64
CA LYS A 1088 -14.07 20.23 11.19
C LYS A 1088 -13.34 18.90 11.30
N ASP A 1089 -12.66 18.51 10.21
CA ASP A 1089 -12.12 17.17 10.08
C ASP A 1089 -10.73 17.19 9.45
N LYS A 1090 -10.04 16.05 9.59
CA LYS A 1090 -8.66 15.84 9.21
C LYS A 1090 -8.51 15.97 7.70
N GLY A 1091 -7.25 16.15 7.26
CA GLY A 1091 -6.90 16.06 5.86
C GLY A 1091 -7.01 17.40 5.13
N LEU A 1092 -7.14 18.50 5.90
CA LEU A 1092 -7.30 19.81 5.31
C LEU A 1092 -6.03 20.20 4.56
N GLN A 1093 -6.22 20.76 3.37
CA GLN A 1093 -5.14 21.33 2.59
C GLN A 1093 -4.90 22.76 3.07
N CYS A 1094 -3.65 23.07 3.38
CA CYS A 1094 -3.22 24.39 3.79
C CYS A 1094 -2.56 25.09 2.61
N LYS A 1095 -3.34 25.90 1.87
CA LYS A 1095 -2.83 26.70 0.78
C LYS A 1095 -2.36 28.05 1.34
N TYR A 1096 -1.09 28.40 1.12
CA TYR A 1096 -0.54 29.54 1.83
C TYR A 1096 0.66 30.16 1.11
N ILE A 1097 0.81 31.48 1.30
CA ILE A 1097 2.05 32.20 1.03
C ILE A 1097 2.61 32.68 2.36
N ILE A 1098 3.92 32.96 2.37
CA ILE A 1098 4.57 33.45 3.58
C ILE A 1098 4.89 34.94 3.42
N SER A 1099 4.31 35.74 4.33
CA SER A 1099 4.31 37.19 4.27
C SER A 1099 5.70 37.73 4.61
N SER A 1100 5.93 39.02 4.30
CA SER A 1100 7.23 39.61 4.54
C SER A 1100 7.38 40.06 5.99
N LYS A 1101 6.37 40.78 6.50
CA LYS A 1101 6.37 41.25 7.88
C LYS A 1101 5.58 40.27 8.75
N PRO A 1102 5.85 40.20 10.07
CA PRO A 1102 6.89 40.98 10.72
C PRO A 1102 8.31 40.56 10.34
N PHE A 1103 9.17 41.57 10.13
CA PHE A 1103 10.60 41.37 9.90
C PHE A 1103 11.22 40.71 11.12
N ASN A 1104 12.27 39.91 10.88
CA ASN A 1104 13.04 39.22 11.92
C ASN A 1104 12.11 38.42 12.82
N ALA A 1105 11.33 37.52 12.21
CA ALA A 1105 10.37 36.67 12.89
C ALA A 1105 10.36 35.28 12.24
N PRO A 1106 10.10 34.19 13.01
CA PRO A 1106 10.19 32.83 12.48
C PRO A 1106 9.19 32.55 11.35
N VAL A 1107 9.60 31.69 10.41
CA VAL A 1107 8.87 31.43 9.17
C VAL A 1107 7.43 31.03 9.50
N THR A 1108 7.29 30.10 10.46
CA THR A 1108 6.05 29.57 10.98
C THR A 1108 4.97 30.63 11.09
N GLU A 1109 5.40 31.85 11.47
CA GLU A 1109 4.51 32.87 11.99
C GLU A 1109 3.82 33.61 10.84
N ARG A 1110 4.47 33.62 9.67
CA ARG A 1110 4.07 34.49 8.59
C ARG A 1110 3.32 33.71 7.50
N ALA A 1111 2.92 32.48 7.83
CA ALA A 1111 2.14 31.68 6.90
C ALA A 1111 0.73 32.25 6.81
N ILE A 1112 0.32 32.61 5.59
CA ILE A 1112 -0.97 33.26 5.40
C ILE A 1112 -1.76 32.51 4.34
N PRO A 1113 -3.02 32.10 4.62
CA PRO A 1113 -3.89 31.49 3.62
C PRO A 1113 -4.08 32.41 2.43
N VAL A 1114 -4.05 31.85 1.22
CA VAL A 1114 -4.23 32.60 -0.01
C VAL A 1114 -5.70 32.90 -0.23
N ALA A 1115 -6.56 32.43 0.68
CA ALA A 1115 -8.00 32.61 0.54
C ALA A 1115 -8.38 34.09 0.70
N ILE A 1116 -7.71 34.79 1.63
CA ILE A 1116 -7.96 36.22 1.87
C ILE A 1116 -7.85 36.97 0.54
N PHE A 1117 -6.85 36.58 -0.26
CA PHE A 1117 -6.49 37.27 -1.49
C PHE A 1117 -7.59 37.12 -2.54
N SER A 1118 -8.72 36.53 -2.13
CA SER A 1118 -9.95 36.51 -2.92
C SER A 1118 -11.13 36.78 -2.00
N ALA A 1119 -10.90 37.59 -0.95
CA ALA A 1119 -11.93 37.90 0.02
C ALA A 1119 -12.08 39.41 0.18
N ASP A 1120 -13.18 39.80 0.83
CA ASP A 1120 -13.59 41.18 1.02
C ASP A 1120 -12.45 42.00 1.63
N ILE A 1121 -12.35 43.26 1.20
CA ILE A 1121 -11.22 44.12 1.47
C ILE A 1121 -11.20 44.53 2.95
N PRO A 1122 -12.35 44.86 3.61
CA PRO A 1122 -12.35 45.15 5.04
C PRO A 1122 -11.76 43.99 5.85
N ILE A 1123 -12.31 42.79 5.63
CA ILE A 1123 -11.86 41.58 6.30
C ILE A 1123 -10.43 41.27 5.87
N LYS A 1124 -10.15 41.48 4.57
CA LYS A 1124 -8.87 41.19 3.96
C LYS A 1124 -7.77 42.02 4.62
N ARG A 1125 -8.12 43.25 5.02
CA ARG A 1125 -7.17 44.16 5.65
C ARG A 1125 -6.99 43.79 7.13
N SER A 1126 -8.10 43.73 7.86
CA SER A 1126 -8.09 43.43 9.29
C SER A 1126 -7.21 42.22 9.61
N PHE A 1127 -7.17 41.26 8.68
CA PHE A 1127 -6.44 40.02 8.92
C PHE A 1127 -4.99 40.15 8.49
N LEU A 1128 -4.74 40.69 7.29
CA LEU A 1128 -3.38 40.96 6.84
C LEU A 1128 -2.66 41.85 7.85
N ARG A 1129 -3.38 42.83 8.42
CA ARG A 1129 -2.84 43.75 9.40
C ARG A 1129 -2.54 42.98 10.68
N ARG A 1130 -3.49 42.13 11.09
CA ARG A 1130 -3.34 41.26 12.26
C ARG A 1130 -2.12 40.36 12.07
N TRP A 1131 -2.01 39.75 10.88
CA TRP A 1131 -1.07 38.67 10.64
C TRP A 1131 0.33 39.21 10.36
N THR A 1132 0.50 40.54 10.37
CA THR A 1132 1.82 41.12 10.17
C THR A 1132 2.18 42.08 11.30
N LEU A 1133 1.38 42.04 12.38
CA LEU A 1133 1.48 42.98 13.50
C LEU A 1133 1.69 44.40 12.99
N ASP A 1134 1.02 44.74 11.89
CA ASP A 1134 1.17 46.01 11.21
C ASP A 1134 -0.21 46.66 11.11
N PRO A 1135 -0.69 47.34 12.19
CA PRO A 1135 -2.06 47.85 12.22
C PRO A 1135 -2.31 48.87 11.11
N SER A 1136 -1.28 49.66 10.80
CA SER A 1136 -1.35 50.74 9.83
C SER A 1136 -1.29 50.20 8.41
N LEU A 1137 -1.41 48.87 8.26
CA LEU A 1137 -1.48 48.26 6.94
C LEU A 1137 -2.68 48.85 6.18
N GLU A 1138 -2.40 49.39 5.00
CA GLU A 1138 -3.42 49.94 4.13
C GLU A 1138 -3.36 49.24 2.77
N ASP A 1139 -2.14 48.86 2.37
CA ASP A 1139 -1.90 48.25 1.07
C ASP A 1139 -2.15 46.74 1.16
N LEU A 1140 -3.07 46.26 0.32
CA LEU A 1140 -3.38 44.83 0.27
C LEU A 1140 -2.66 44.19 -0.92
N ASP A 1141 -1.86 45.01 -1.63
CA ASP A 1141 -1.15 44.58 -2.82
C ASP A 1141 -0.55 43.20 -2.61
N ILE A 1142 -1.07 42.23 -3.36
CA ILE A 1142 -0.73 40.82 -3.20
C ILE A 1142 0.79 40.64 -3.29
N ARG A 1143 1.46 41.53 -4.03
CA ARG A 1143 2.89 41.43 -4.27
C ARG A 1143 3.69 42.11 -3.16
N THR A 1144 3.04 42.99 -2.38
CA THR A 1144 3.74 43.73 -1.34
C THR A 1144 3.97 42.82 -0.13
N ILE A 1145 2.98 41.98 0.16
CA ILE A 1145 3.02 41.07 1.31
C ILE A 1145 3.99 39.91 1.03
N ILE A 1146 4.01 39.43 -0.23
CA ILE A 1146 4.80 38.26 -0.57
C ILE A 1146 6.29 38.50 -0.29
N ASP A 1147 6.81 37.74 0.68
CA ASP A 1147 8.20 37.75 1.08
C ASP A 1147 9.04 37.06 -0.01
N TRP A 1148 9.48 37.83 -1.01
CA TRP A 1148 10.18 37.26 -2.14
C TRP A 1148 11.56 36.72 -1.73
N GLY A 1149 12.16 37.34 -0.71
CA GLY A 1149 13.49 37.00 -0.23
C GLY A 1149 13.58 35.54 0.21
N TYR A 1150 12.54 35.07 0.91
CA TYR A 1150 12.42 33.67 1.28
C TYR A 1150 12.36 32.81 0.01
N TYR A 1151 11.33 33.06 -0.82
CA TYR A 1151 11.08 32.29 -2.02
C TYR A 1151 12.29 32.35 -2.95
N ARG A 1152 13.23 33.25 -2.65
CA ARG A 1152 14.44 33.43 -3.44
C ARG A 1152 15.48 32.41 -2.98
N GLU A 1153 15.48 32.12 -1.67
CA GLU A 1153 16.38 31.13 -1.11
C GLU A 1153 15.95 29.72 -1.57
N ARG A 1154 14.65 29.40 -1.42
CA ARG A 1154 14.16 28.08 -1.77
C ARG A 1154 14.53 27.77 -3.22
N LEU A 1155 14.07 28.58 -4.18
CA LEU A 1155 14.49 28.39 -5.56
C LEU A 1155 16.01 28.32 -5.62
N GLY A 1156 16.67 29.05 -4.70
CA GLY A 1156 18.12 29.06 -4.62
C GLY A 1156 18.68 27.70 -4.23
N SER A 1157 18.03 27.04 -3.26
CA SER A 1157 18.46 25.75 -2.76
C SER A 1157 18.35 24.73 -3.88
N ALA A 1158 17.19 24.77 -4.56
CA ALA A 1158 16.89 23.93 -5.71
C ALA A 1158 18.02 23.98 -6.74
N ILE A 1159 18.45 25.20 -7.09
CA ILE A 1159 19.47 25.39 -8.11
C ILE A 1159 20.77 24.72 -7.68
N GLN A 1160 21.21 25.01 -6.44
CA GLN A 1160 22.46 24.47 -5.93
C GLN A 1160 22.36 22.94 -5.89
N LYS A 1161 21.16 22.45 -5.55
CA LYS A 1161 20.94 21.02 -5.42
C LYS A 1161 21.00 20.37 -6.79
N ILE A 1162 20.07 20.74 -7.69
CA ILE A 1162 20.01 20.13 -9.00
C ILE A 1162 21.23 20.52 -9.84
N ILE A 1163 21.48 21.83 -9.99
CA ILE A 1163 22.37 22.32 -11.03
C ILE A 1163 23.81 22.46 -10.53
N THR A 1164 24.02 23.34 -9.54
CA THR A 1164 25.27 24.06 -9.35
C THR A 1164 26.33 23.21 -8.66
N ILE A 1165 26.03 22.75 -7.44
CA ILE A 1165 26.95 21.92 -6.68
C ILE A 1165 27.27 20.64 -7.47
N PRO A 1166 26.29 20.00 -8.16
CA PRO A 1166 26.60 18.95 -9.12
C PRO A 1166 27.54 19.39 -10.24
N ALA A 1167 27.28 20.58 -10.79
CA ALA A 1167 28.15 21.20 -11.78
C ALA A 1167 29.59 21.16 -11.28
N ALA A 1168 29.79 21.76 -10.09
CA ALA A 1168 31.10 21.88 -9.46
C ALA A 1168 31.78 20.52 -9.38
N LEU A 1169 31.06 19.53 -8.82
CA LEU A 1169 31.62 18.20 -8.55
C LEU A 1169 32.01 17.50 -9.85
N GLN A 1170 31.49 17.98 -10.97
CA GLN A 1170 31.87 17.46 -12.27
C GLN A 1170 32.90 18.41 -12.93
N GLY A 1171 33.43 19.34 -12.12
CA GLY A 1171 34.56 20.17 -12.53
C GLY A 1171 34.22 21.18 -13.62
N VAL A 1172 32.94 21.57 -13.71
CA VAL A 1172 32.57 22.72 -14.52
C VAL A 1172 32.39 23.93 -13.59
N SER A 1173 32.87 25.09 -14.04
CA SER A 1173 32.71 26.33 -13.30
C SER A 1173 31.21 26.64 -13.16
N ASN A 1174 30.82 27.09 -11.97
CA ASN A 1174 29.43 27.40 -11.66
C ASN A 1174 28.77 28.03 -12.89
N PRO A 1175 27.66 27.46 -13.40
CA PRO A 1175 27.01 27.98 -14.60
C PRO A 1175 25.92 29.03 -14.32
N VAL A 1176 25.57 29.22 -13.04
CA VAL A 1176 24.54 30.17 -12.65
C VAL A 1176 25.04 30.96 -11.43
N PRO A 1177 25.86 32.03 -11.64
CA PRO A 1177 26.58 32.66 -10.54
C PRO A 1177 25.68 33.58 -9.72
N ARG A 1178 24.41 33.69 -10.12
CA ARG A 1178 23.44 34.52 -9.45
C ARG A 1178 22.94 33.82 -8.20
N VAL A 1179 23.48 32.63 -7.95
CA VAL A 1179 23.39 31.95 -6.67
C VAL A 1179 24.66 31.13 -6.49
N GLU A 1180 25.39 31.44 -5.41
CA GLU A 1180 26.80 31.09 -5.32
C GLU A 1180 26.97 29.81 -4.52
N HIS A 1181 28.24 29.38 -4.41
CA HIS A 1181 28.58 28.20 -3.64
C HIS A 1181 28.55 28.56 -2.16
N PRO A 1182 28.24 27.59 -1.27
CA PRO A 1182 28.47 27.74 0.17
C PRO A 1182 29.94 27.84 0.53
N ASP A 1183 30.22 28.41 1.72
CA ASP A 1183 31.55 28.80 2.14
C ASP A 1183 32.52 27.63 1.93
N TRP A 1184 32.02 26.40 2.06
CA TRP A 1184 32.85 25.21 1.97
C TRP A 1184 33.16 24.88 0.51
N LEU A 1185 32.18 25.07 -0.38
CA LEU A 1185 32.34 24.74 -1.79
C LEU A 1185 33.27 25.78 -2.43
N LYS A 1186 33.25 26.99 -1.86
CA LYS A 1186 34.22 28.01 -2.20
C LYS A 1186 35.57 27.63 -1.58
N ARG A 1187 35.59 27.44 -0.26
CA ARG A 1187 36.81 27.18 0.49
C ARG A 1187 37.45 25.86 0.03
N LYS A 1188 36.83 25.21 -0.96
CA LYS A 1188 37.26 23.91 -1.44
C LYS A 1188 38.15 24.08 -2.67
N ILE A 1189 37.71 24.91 -3.62
CA ILE A 1189 38.36 25.09 -4.90
C ILE A 1189 39.85 25.39 -4.70
N ALA A 1190 40.20 25.83 -3.48
CA ALA A 1190 41.58 26.04 -3.08
C ALA A 1190 42.23 24.69 -2.72
N1 DOC B 11 11.59 0.89 -1.46
C2 DOC B 11 11.24 0.51 -0.23
N3 DOC B 11 9.90 0.61 0.19
C4 DOC B 11 8.94 1.11 -0.70
C5 DOC B 11 9.30 1.49 -1.99
C6 DOC B 11 10.63 1.38 -2.37
O2 DOC B 11 12.10 0.08 0.55
N4 DOC B 11 7.68 1.22 -0.34
C1' DOC B 11 13.01 0.76 -1.86
C2' DOC B 11 13.24 -0.53 -2.57
C3' DOC B 11 13.85 -0.18 -3.90
C4' DOC B 11 14.14 1.28 -3.81
O4' DOC B 11 13.22 1.78 -2.87
C5' DOC B 11 13.64 1.89 -5.08
O5' DOC B 11 14.67 2.66 -5.57
P DOC B 11 14.26 4.06 -6.11
OP1 DOC B 11 15.53 4.78 -6.41
OP2 DOC B 11 13.20 3.86 -7.14
FE1 SF4 D . 15.82 -27.57 14.79
FE2 SF4 D . 14.38 -29.82 14.19
FE3 SF4 D . 16.45 -29.06 12.57
FE4 SF4 D . 14.16 -27.57 12.62
S1 SF4 D . 14.38 -29.74 11.91
S2 SF4 D . 16.29 -26.77 12.69
S3 SF4 D . 13.55 -27.77 14.83
S4 SF4 D . 16.59 -29.73 14.76
PG DTP E . 10.37 -5.67 -8.31
O1G DTP E . 10.25 -7.12 -8.10
O2G DTP E . 9.32 -5.01 -9.13
O3G DTP E . 11.75 -5.08 -8.42
PB DTP E . 10.62 -5.76 -5.48
O1B DTP E . 12.05 -6.02 -5.80
O2B DTP E . 9.91 -6.75 -4.65
O3B DTP E . 9.82 -5.32 -6.82
PA DTP E . 11.43 -3.13 -5.22
O1A DTP E . 12.38 -3.65 -6.27
O2A DTP E . 10.60 -1.91 -5.46
O3A DTP E . 10.49 -4.34 -4.76
O5' DTP E . 12.20 -3.00 -3.81
C5' DTP E . 12.89 -4.13 -3.29
C4' DTP E . 12.40 -4.43 -1.87
O4' DTP E . 11.85 -3.26 -1.23
C3' DTP E . 11.21 -5.38 -1.89
O3' DTP E . 11.58 -6.71 -2.30
C2' DTP E . 10.86 -5.29 -0.42
C1' DTP E . 11.00 -3.76 -0.18
N9 DTP E . 9.75 -3.14 -0.51
C8 DTP E . 9.49 -2.47 -1.64
N7 DTP E . 8.22 -2.04 -1.60
C5 DTP E . 7.72 -2.44 -0.42
C6 DTP E . 6.53 -2.25 0.11
N6 DTP E . 5.67 -1.58 -0.63
N1 DTP E . 6.20 -2.74 1.33
C2 DTP E . 7.18 -3.45 2.06
N3 DTP E . 8.44 -3.61 1.48
C4 DTP E . 8.67 -3.11 0.25
CA CA F . 13.41 -5.25 -7.16
#